data_8XK2
#
_entry.id   8XK2
#
_cell.length_a   80.850
_cell.length_b   100.610
_cell.length_c   227.430
_cell.angle_alpha   90.00
_cell.angle_beta   90.00
_cell.angle_gamma   90.00
#
_symmetry.space_group_name_H-M   'P 2 2 21'
#
loop_
_entity.id
_entity.type
_entity.pdbx_description
1 polymer 'Spike protein S1'
2 polymer 'VHH60 nanobody'
#
loop_
_entity_poly.entity_id
_entity_poly.type
_entity_poly.pdbx_seq_one_letter_code
_entity_poly.pdbx_strand_id
1 'polypeptide(L)'
;RVQPTESIVRFPNITNLCPFGEVFNATRFASVYAWNRKRISNCVADYSVLYNSASFSTFKCYGVSPTKLNDLCFTNVYAD
SFVIRGDEVRQIAPGQTGKIADYNYKLPDDFTGCVIAWNSNNLDSKVGGNYNYLYRLFRKSNLKPFERDISTEIYQAGST
PCNGVEGFNCYFPLQSYGFQPTNGVGYQPYRVVVLSFELLHAPATVCGPKKSTLEVLFQ
;
A,C,E,G
2 'polypeptide(L)'
;EVQLVESGGGLVQPGGSLRLSCAASGRTFRVNLMGWFRQAPGKGRELVASINGFDDITYYPDSVEGRFTISRDNAKRMVY
LQMNSLRAEDTAVYYCAAYDSDYDGRLFNYWGQGTQVTVSS
;
B,D,F,H
#
# COMPACT_ATOMS: atom_id res chain seq x y z
N ILE A 14 13.00 10.40 54.86
CA ILE A 14 13.30 9.87 53.53
C ILE A 14 12.01 9.42 52.84
N THR A 15 11.59 10.16 51.80
CA THR A 15 10.37 9.89 51.06
C THR A 15 10.69 9.93 49.58
N ASN A 16 10.55 8.79 48.91
CA ASN A 16 11.00 8.65 47.54
C ASN A 16 10.18 9.51 46.59
N LEU A 17 10.71 9.70 45.39
CA LEU A 17 10.09 10.49 44.33
C LEU A 17 9.47 9.58 43.28
N CYS A 18 8.47 10.13 42.58
CA CYS A 18 7.72 9.35 41.61
C CYS A 18 8.63 8.88 40.48
N PRO A 19 8.42 7.67 39.95
CA PRO A 19 9.31 7.10 38.91
C PRO A 19 8.98 7.62 37.51
N PHE A 20 9.07 8.94 37.35
CA PHE A 20 8.75 9.53 36.05
C PHE A 20 9.81 9.22 35.00
N GLY A 21 11.07 9.07 35.41
CA GLY A 21 12.08 8.69 34.44
C GLY A 21 11.85 7.32 33.86
N GLU A 22 11.34 6.39 34.69
CA GLU A 22 11.01 5.06 34.19
C GLU A 22 9.91 5.11 33.14
N VAL A 23 9.05 6.13 33.20
CA VAL A 23 7.93 6.27 32.27
C VAL A 23 8.39 6.97 31.01
N PHE A 24 8.97 8.16 31.16
CA PHE A 24 9.36 8.96 30.02
C PHE A 24 10.61 8.39 29.35
N ASN A 25 11.68 8.20 30.12
CA ASN A 25 12.95 7.71 29.60
C ASN A 25 12.98 6.18 29.47
N ALA A 26 11.82 5.53 29.39
CA ALA A 26 11.78 4.09 29.18
C ALA A 26 12.43 3.73 27.84
N THR A 27 13.07 2.56 27.80
CA THR A 27 13.75 2.13 26.58
C THR A 27 12.75 1.85 25.46
N ARG A 28 11.63 1.22 25.77
CA ARG A 28 10.62 0.86 24.78
C ARG A 28 9.25 1.24 25.29
N PHE A 29 8.44 1.83 24.40
CA PHE A 29 7.08 2.25 24.70
C PHE A 29 6.10 1.23 24.14
N ALA A 30 4.88 1.25 24.69
CA ALA A 30 3.87 0.28 24.30
C ALA A 30 3.11 0.77 23.06
N SER A 31 2.51 -0.19 22.36
CA SER A 31 1.68 0.15 21.22
C SER A 31 0.46 0.92 21.71
N VAL A 32 -0.12 1.73 20.81
CA VAL A 32 -1.21 2.60 21.23
C VAL A 32 -2.43 1.77 21.63
N TYR A 33 -2.69 0.66 20.92
CA TYR A 33 -3.84 -0.17 21.27
C TYR A 33 -3.65 -0.80 22.64
N ALA A 34 -2.41 -1.11 23.02
CA ALA A 34 -2.09 -1.67 24.33
C ALA A 34 -1.34 -0.64 25.18
N TRP A 35 -1.82 0.60 25.17
CA TRP A 35 -1.16 1.66 25.92
C TRP A 35 -0.88 1.22 27.34
N ASN A 36 0.28 1.60 27.86
CA ASN A 36 0.71 1.19 29.19
C ASN A 36 0.29 2.25 30.19
N ARG A 37 0.02 1.83 31.43
CA ARG A 37 -0.38 2.75 32.47
C ARG A 37 0.41 2.44 33.75
N LYS A 38 0.84 3.50 34.43
CA LYS A 38 1.57 3.38 35.69
C LYS A 38 0.91 4.26 36.73
N ARG A 39 0.50 3.65 37.84
CA ARG A 39 -0.07 4.39 38.97
C ARG A 39 1.04 5.06 39.77
N ILE A 40 0.82 6.32 40.12
CA ILE A 40 1.78 7.15 40.85
C ILE A 40 1.07 7.61 42.12
N SER A 41 1.28 6.87 43.20
CA SER A 41 0.82 7.25 44.54
C SER A 41 1.99 7.19 45.51
N ASN A 42 1.82 7.90 46.63
CA ASN A 42 2.79 7.89 47.73
C ASN A 42 4.19 8.31 47.25
N CYS A 43 4.30 9.56 46.82
CA CYS A 43 5.59 10.11 46.45
C CYS A 43 5.52 11.63 46.48
N VAL A 44 6.65 12.25 46.16
CA VAL A 44 6.76 13.69 45.98
C VAL A 44 7.33 13.92 44.58
N ALA A 45 6.54 14.55 43.72
CA ALA A 45 6.89 14.66 42.31
C ALA A 45 7.77 15.87 42.07
N ASP A 46 8.66 15.73 41.10
CA ASP A 46 9.54 16.81 40.65
C ASP A 46 9.18 17.12 39.21
N TYR A 47 8.38 18.18 39.02
CA TYR A 47 7.95 18.57 37.69
C TYR A 47 9.00 19.40 36.96
N SER A 48 9.93 20.02 37.70
CA SER A 48 10.98 20.80 37.05
C SER A 48 11.78 19.94 36.07
N VAL A 49 12.21 18.76 36.52
CA VAL A 49 12.98 17.86 35.67
C VAL A 49 12.18 17.39 34.47
N LEU A 50 10.87 17.60 34.47
CA LEU A 50 10.05 17.14 33.35
C LEU A 50 10.24 18.03 32.13
N TYR A 51 10.13 19.35 32.31
CA TYR A 51 10.16 20.27 31.18
C TYR A 51 11.52 20.25 30.48
N ASN A 52 12.57 20.64 31.20
CA ASN A 52 13.86 20.93 30.60
C ASN A 52 14.81 19.73 30.55
N SER A 53 14.33 18.52 30.88
CA SER A 53 15.15 17.33 30.70
C SER A 53 15.13 16.81 29.27
N ALA A 54 14.12 17.21 28.50
CA ALA A 54 14.02 16.84 27.09
C ALA A 54 13.29 17.95 26.36
N SER A 55 13.28 17.86 25.04
CA SER A 55 12.49 18.76 24.21
C SER A 55 11.26 17.99 23.74
N PHE A 56 10.09 18.44 24.16
CA PHE A 56 8.84 17.85 23.75
C PHE A 56 8.22 18.69 22.63
N SER A 57 7.60 18.02 21.68
CA SER A 57 6.89 18.71 20.60
C SER A 57 5.43 19.00 20.93
N THR A 58 4.96 18.52 22.08
CA THR A 58 3.59 18.83 22.51
C THR A 58 3.53 18.78 24.02
N PHE A 59 2.99 19.85 24.63
CA PHE A 59 2.79 19.91 26.07
C PHE A 59 1.53 20.74 26.32
N LYS A 60 0.40 20.06 26.51
CA LYS A 60 -0.89 20.74 26.68
C LYS A 60 -1.57 20.21 27.93
N CYS A 61 -2.03 21.10 28.79
CA CYS A 61 -2.66 20.72 30.04
C CYS A 61 -4.09 21.22 30.05
N TYR A 62 -5.02 20.34 30.41
CA TYR A 62 -6.45 20.63 30.38
C TYR A 62 -6.99 20.56 31.80
N GLY A 63 -7.55 21.68 32.28
CA GLY A 63 -8.18 21.73 33.58
C GLY A 63 -7.25 21.94 34.75
N VAL A 64 -5.94 21.98 34.53
CA VAL A 64 -4.96 22.10 35.60
C VAL A 64 -3.91 23.10 35.16
N SER A 65 -3.21 23.67 36.13
CA SER A 65 -2.20 24.68 35.86
C SER A 65 -0.82 24.18 36.23
N PRO A 66 0.17 24.41 35.37
CA PRO A 66 1.48 23.78 35.59
C PRO A 66 2.29 24.50 36.65
N THR A 67 2.05 25.80 36.81
CA THR A 67 2.72 26.55 37.87
C THR A 67 2.17 26.18 39.24
N LYS A 68 0.89 25.80 39.30
CA LYS A 68 0.25 25.43 40.56
C LYS A 68 0.33 23.93 40.84
N LEU A 69 0.94 23.15 39.94
CA LEU A 69 1.10 21.72 40.20
C LEU A 69 1.93 21.50 41.47
N ASN A 70 2.98 22.29 41.67
CA ASN A 70 3.75 22.20 42.90
C ASN A 70 2.91 22.57 44.11
N ASP A 71 1.96 23.48 43.95
CA ASP A 71 1.12 23.96 45.03
C ASP A 71 -0.18 23.17 45.17
N LEU A 72 -0.33 22.08 44.44
CA LEU A 72 -1.49 21.19 44.57
C LEU A 72 -1.03 19.80 44.97
N CYS A 73 -1.92 19.09 45.67
CA CYS A 73 -1.68 17.71 46.10
C CYS A 73 -2.76 16.83 45.49
N PHE A 74 -2.36 15.80 44.76
CA PHE A 74 -3.28 14.89 44.11
C PHE A 74 -3.32 13.56 44.83
N THR A 75 -4.46 12.88 44.74
CA THR A 75 -4.64 11.59 45.40
C THR A 75 -3.95 10.47 44.64
N ASN A 76 -4.34 10.26 43.39
CA ASN A 76 -3.81 9.20 42.54
C ASN A 76 -3.47 9.79 41.18
N VAL A 77 -2.19 9.75 40.80
CA VAL A 77 -1.77 10.21 39.49
C VAL A 77 -1.56 8.99 38.62
N TYR A 78 -1.83 9.13 37.32
CA TYR A 78 -1.65 8.02 36.38
C TYR A 78 -0.87 8.50 35.17
N ALA A 79 0.18 7.76 34.81
CA ALA A 79 0.99 8.06 33.63
C ALA A 79 0.69 6.99 32.58
N ASP A 80 -0.08 7.37 31.57
CA ASP A 80 -0.32 6.52 30.42
C ASP A 80 0.72 6.83 29.35
N SER A 81 1.18 5.80 28.65
CA SER A 81 2.20 5.97 27.63
C SER A 81 1.86 5.12 26.42
N PHE A 82 2.22 5.63 25.25
CA PHE A 82 2.04 4.87 24.02
C PHE A 82 2.81 5.55 22.90
N VAL A 83 2.70 4.99 21.70
CA VAL A 83 3.36 5.51 20.50
C VAL A 83 2.34 5.60 19.39
N ILE A 84 2.37 6.69 18.65
CA ILE A 84 1.47 6.89 17.50
C ILE A 84 2.22 7.70 16.47
N ARG A 85 1.60 7.98 15.33
CA ARG A 85 2.26 8.85 14.36
C ARG A 85 1.86 10.31 14.61
N GLY A 86 2.71 11.22 14.15
CA GLY A 86 2.50 12.63 14.46
C GLY A 86 1.09 13.11 14.14
N ASP A 87 0.57 12.73 12.98
CA ASP A 87 -0.76 13.14 12.58
C ASP A 87 -1.80 12.84 13.65
N GLU A 88 -1.58 11.79 14.44
CA GLU A 88 -2.55 11.34 15.42
C GLU A 88 -2.36 11.98 16.79
N VAL A 89 -1.28 12.75 16.98
CA VAL A 89 -1.06 13.38 18.28
C VAL A 89 -2.18 14.35 18.61
N ARG A 90 -2.84 14.90 17.58
CA ARG A 90 -3.96 15.81 17.79
C ARG A 90 -5.22 15.10 18.27
N GLN A 91 -5.22 13.77 18.31
CA GLN A 91 -6.36 13.01 18.80
C GLN A 91 -6.26 12.68 20.28
N ILE A 92 -5.10 12.87 20.89
CA ILE A 92 -4.94 12.60 22.32
C ILE A 92 -5.36 13.84 23.10
N ALA A 93 -6.64 14.18 23.02
CA ALA A 93 -7.18 15.34 23.72
C ALA A 93 -8.68 15.14 23.89
N PRO A 94 -9.31 15.88 24.80
CA PRO A 94 -10.74 15.65 25.05
C PRO A 94 -11.58 15.91 23.81
N GLY A 95 -12.66 15.15 23.68
CA GLY A 95 -13.62 15.39 22.63
C GLY A 95 -13.06 15.32 21.23
N GLN A 96 -12.12 14.40 20.99
CA GLN A 96 -11.56 14.18 19.67
C GLN A 96 -12.04 12.83 19.14
N THR A 97 -12.06 12.71 17.81
CA THR A 97 -12.49 11.48 17.16
C THR A 97 -11.41 11.02 16.20
N GLY A 98 -11.57 9.78 15.72
CA GLY A 98 -10.62 9.18 14.81
C GLY A 98 -10.32 7.75 15.19
N LYS A 99 -9.40 7.10 14.48
CA LYS A 99 -9.05 5.73 14.82
C LYS A 99 -8.45 5.65 16.22
N ILE A 100 -7.53 6.55 16.54
CA ILE A 100 -6.85 6.49 17.83
C ILE A 100 -7.81 6.86 18.95
N ALA A 101 -8.61 7.92 18.76
CA ALA A 101 -9.50 8.37 19.82
C ALA A 101 -10.67 7.42 20.02
N ASP A 102 -11.07 6.68 18.99
CA ASP A 102 -12.26 5.84 19.06
C ASP A 102 -11.95 4.38 19.35
N TYR A 103 -10.79 3.87 18.92
CA TYR A 103 -10.49 2.44 19.02
C TYR A 103 -9.18 2.16 19.75
N ASN A 104 -8.55 3.18 20.32
CA ASN A 104 -7.27 2.97 20.99
C ASN A 104 -7.21 3.67 22.34
N TYR A 105 -7.15 5.00 22.35
CA TYR A 105 -7.04 5.76 23.59
C TYR A 105 -8.00 6.94 23.53
N LYS A 106 -9.02 6.91 24.38
CA LYS A 106 -10.03 7.96 24.44
C LYS A 106 -9.88 8.72 25.76
N LEU A 107 -9.78 10.04 25.67
CA LEU A 107 -9.74 10.86 26.87
C LEU A 107 -11.11 11.46 27.15
N PRO A 108 -11.54 11.50 28.42
CA PRO A 108 -12.88 12.00 28.73
C PRO A 108 -12.98 13.49 28.50
N ASP A 109 -14.22 13.96 28.40
CA ASP A 109 -14.47 15.38 28.18
C ASP A 109 -14.03 16.22 29.36
N ASP A 110 -14.07 15.65 30.57
CA ASP A 110 -13.65 16.35 31.79
C ASP A 110 -12.22 16.02 32.16
N PHE A 111 -11.36 15.82 31.17
CA PHE A 111 -9.97 15.47 31.43
C PHE A 111 -9.30 16.56 32.26
N THR A 112 -8.71 16.17 33.38
CA THR A 112 -7.98 17.07 34.27
C THR A 112 -6.55 16.55 34.34
N GLY A 113 -5.73 16.99 33.40
CA GLY A 113 -4.37 16.48 33.37
C GLY A 113 -3.50 17.17 32.33
N CYS A 114 -2.51 16.47 31.83
CA CYS A 114 -1.59 17.00 30.83
C CYS A 114 -1.29 15.92 29.80
N VAL A 115 -0.92 16.38 28.62
CA VAL A 115 -0.58 15.52 27.49
C VAL A 115 0.76 16.00 26.96
N ILE A 116 1.75 15.11 26.96
CA ILE A 116 3.09 15.40 26.50
C ILE A 116 3.39 14.44 25.36
N ALA A 117 4.18 14.91 24.39
CA ALA A 117 4.52 14.05 23.27
C ALA A 117 5.78 14.59 22.62
N TRP A 118 6.57 13.67 22.08
CA TRP A 118 7.84 14.03 21.45
C TRP A 118 8.15 13.05 20.32
N ASN A 119 8.78 13.58 19.27
CA ASN A 119 9.19 12.76 18.14
C ASN A 119 10.15 11.68 18.60
N SER A 120 10.05 10.50 17.97
CA SER A 120 10.89 9.38 18.33
C SER A 120 11.40 8.63 17.11
N ASN A 121 11.60 9.33 15.99
CA ASN A 121 12.06 8.68 14.78
C ASN A 121 13.43 8.04 14.94
N ASN A 122 14.21 8.45 15.94
CA ASN A 122 15.53 7.87 16.14
C ASN A 122 15.51 6.57 16.94
N LEU A 123 14.35 6.17 17.46
CA LEU A 123 14.24 4.94 18.23
C LEU A 123 13.18 3.99 17.70
N ASP A 124 12.02 4.51 17.26
CA ASP A 124 10.86 3.71 16.92
C ASP A 124 10.61 3.60 15.43
N SER A 125 11.66 3.72 14.61
CA SER A 125 11.52 3.57 13.17
C SER A 125 12.76 2.87 12.62
N LYS A 126 12.54 1.87 11.76
CA LYS A 126 13.61 1.09 11.16
C LYS A 126 13.53 1.16 9.65
N VAL A 127 14.69 1.09 9.00
CA VAL A 127 14.71 1.00 7.55
C VAL A 127 13.91 -0.21 7.12
N GLY A 128 13.05 -0.04 6.13
CA GLY A 128 12.15 -1.10 5.73
C GLY A 128 10.88 -1.18 6.55
N GLY A 129 10.76 -0.38 7.61
CA GLY A 129 9.55 -0.33 8.40
C GLY A 129 9.66 -1.07 9.71
N ASN A 130 9.28 -0.41 10.79
CA ASN A 130 9.22 -1.02 12.12
C ASN A 130 7.75 -1.36 12.37
N TYR A 131 7.39 -2.62 12.11
CA TYR A 131 6.00 -3.04 12.19
C TYR A 131 5.60 -3.51 13.58
N ASN A 132 6.47 -3.31 14.57
CA ASN A 132 6.17 -3.80 15.91
C ASN A 132 5.08 -2.98 16.58
N TYR A 133 4.96 -1.70 16.22
CA TYR A 133 3.95 -0.83 16.80
C TYR A 133 2.66 -0.98 16.01
N LEU A 134 1.58 -1.35 16.70
CA LEU A 134 0.30 -1.65 16.09
C LEU A 134 -0.77 -0.68 16.59
N TYR A 135 -1.87 -0.64 15.85
CA TYR A 135 -3.04 0.15 16.24
C TYR A 135 -4.29 -0.53 15.72
N ARG A 136 -5.41 -0.26 16.38
CA ARG A 136 -6.68 -0.89 16.06
C ARG A 136 -7.39 -0.10 14.97
N LEU A 137 -7.92 -0.82 13.97
CA LEU A 137 -8.68 -0.21 12.88
C LEU A 137 -10.18 -0.23 13.13
N PHE A 138 -10.72 -1.35 13.60
CA PHE A 138 -12.16 -1.54 13.69
C PHE A 138 -12.55 -2.06 15.06
N ARG A 139 -13.71 -1.60 15.55
CA ARG A 139 -14.37 -2.18 16.70
C ARG A 139 -15.88 -2.14 16.46
N LYS A 140 -16.61 -2.93 17.24
CA LYS A 140 -18.06 -2.87 17.21
C LYS A 140 -18.59 -1.58 17.82
N SER A 141 -17.80 -0.93 18.68
CA SER A 141 -18.21 0.31 19.32
C SER A 141 -16.97 1.11 19.67
N ASN A 142 -17.18 2.34 20.14
CA ASN A 142 -16.09 3.19 20.54
C ASN A 142 -15.64 2.84 21.96
N LEU A 143 -14.46 3.33 22.32
CA LEU A 143 -13.87 3.04 23.62
C LEU A 143 -14.31 4.08 24.63
N LYS A 144 -14.83 3.62 25.77
CA LYS A 144 -15.10 4.52 26.88
C LYS A 144 -13.80 5.14 27.36
N PRO A 145 -13.88 6.29 28.04
CA PRO A 145 -12.65 6.97 28.45
C PRO A 145 -11.73 6.08 29.27
N PHE A 146 -10.45 6.09 28.90
CA PHE A 146 -9.40 5.33 29.59
C PHE A 146 -9.65 3.83 29.51
N GLU A 147 -10.41 3.38 28.53
CA GLU A 147 -10.64 1.96 28.32
C GLU A 147 -9.52 1.40 27.43
N ARG A 148 -9.16 0.15 27.69
CA ARG A 148 -8.12 -0.55 26.94
C ARG A 148 -8.74 -1.80 26.35
N ASP A 149 -8.64 -1.95 25.03
CA ASP A 149 -9.05 -3.16 24.34
C ASP A 149 -7.80 -3.83 23.80
N ILE A 150 -7.57 -5.08 24.20
CA ILE A 150 -6.39 -5.84 23.78
C ILE A 150 -6.78 -7.14 23.08
N SER A 151 -8.05 -7.24 22.67
CA SER A 151 -8.52 -8.46 22.05
C SER A 151 -8.00 -8.56 20.62
N THR A 152 -7.79 -9.80 20.17
CA THR A 152 -7.32 -10.07 18.82
C THR A 152 -8.31 -10.94 18.04
N GLU A 153 -9.59 -10.83 18.37
CA GLU A 153 -10.62 -11.54 17.64
C GLU A 153 -10.90 -10.83 16.32
N ILE A 154 -11.12 -11.61 15.26
CA ILE A 154 -11.34 -11.04 13.94
C ILE A 154 -12.61 -10.20 13.92
N TYR A 155 -12.56 -9.10 13.18
CA TYR A 155 -13.65 -8.14 13.11
C TYR A 155 -14.62 -8.56 12.02
N GLN A 156 -15.91 -8.53 12.34
CA GLN A 156 -16.97 -8.87 11.39
C GLN A 156 -17.39 -7.57 10.70
N ALA A 157 -16.93 -7.40 9.45
CA ALA A 157 -17.16 -6.19 8.68
C ALA A 157 -18.27 -6.33 7.64
N GLY A 158 -19.05 -7.39 7.69
CA GLY A 158 -20.10 -7.61 6.71
C GLY A 158 -21.26 -8.37 7.31
N SER A 159 -22.26 -8.63 6.47
CA SER A 159 -23.45 -9.34 6.92
C SER A 159 -23.13 -10.79 7.28
N THR A 160 -22.21 -11.40 6.57
CA THR A 160 -21.83 -12.77 6.86
C THR A 160 -21.10 -12.82 8.19
N PRO A 161 -21.53 -13.63 9.16
CA PRO A 161 -20.74 -13.76 10.39
C PRO A 161 -19.41 -14.43 10.11
N CYS A 162 -18.47 -14.21 11.02
CA CYS A 162 -17.14 -14.77 10.92
C CYS A 162 -16.96 -15.84 11.97
N ASN A 163 -16.26 -16.91 11.61
CA ASN A 163 -16.08 -18.04 12.51
C ASN A 163 -14.61 -18.17 12.87
N GLY A 164 -14.06 -17.12 13.49
CA GLY A 164 -12.68 -17.14 13.93
C GLY A 164 -11.69 -17.31 12.80
N VAL A 165 -12.14 -17.17 11.55
CA VAL A 165 -11.30 -17.31 10.37
C VAL A 165 -11.31 -15.99 9.61
N GLU A 166 -10.13 -15.49 9.29
CA GLU A 166 -10.00 -14.27 8.51
C GLU A 166 -10.40 -14.53 7.05
N GLY A 167 -11.07 -13.56 6.45
CA GLY A 167 -11.47 -13.70 5.07
C GLY A 167 -12.27 -12.52 4.58
N PHE A 168 -13.02 -12.75 3.51
CA PHE A 168 -13.85 -11.70 2.91
C PHE A 168 -14.77 -11.08 3.95
N ASN A 169 -14.63 -9.77 4.15
CA ASN A 169 -15.42 -9.01 5.12
C ASN A 169 -15.14 -9.44 6.55
N CYS A 170 -14.04 -10.16 6.78
CA CYS A 170 -13.59 -10.54 8.12
C CYS A 170 -12.11 -10.21 8.21
N TYR A 171 -11.78 -9.18 8.97
CA TYR A 171 -10.44 -8.62 9.01
C TYR A 171 -9.87 -8.72 10.42
N PHE A 172 -8.54 -8.83 10.49
CA PHE A 172 -7.87 -8.74 11.77
C PHE A 172 -7.96 -7.31 12.29
N PRO A 173 -8.27 -7.11 13.58
CA PRO A 173 -8.57 -5.75 14.06
C PRO A 173 -7.37 -4.84 14.18
N LEU A 174 -6.15 -5.36 14.07
CA LEU A 174 -4.94 -4.57 14.27
C LEU A 174 -4.16 -4.43 12.98
N GLN A 175 -3.42 -3.33 12.86
CA GLN A 175 -2.55 -3.08 11.73
C GLN A 175 -1.26 -2.44 12.23
N SER A 176 -0.20 -2.60 11.45
CA SER A 176 1.13 -2.18 11.87
C SER A 176 1.51 -0.84 11.26
N TYR A 177 2.12 0.03 12.06
CA TYR A 177 2.65 1.31 11.55
C TYR A 177 3.99 0.99 10.94
N GLY A 178 4.14 1.20 9.64
CA GLY A 178 5.44 0.95 8.97
C GLY A 178 6.35 2.13 9.21
N PHE A 179 6.84 2.31 10.43
CA PHE A 179 7.65 3.49 10.80
C PHE A 179 9.04 3.37 10.16
N GLN A 180 9.33 4.23 9.19
CA GLN A 180 10.64 4.23 8.48
C GLN A 180 11.36 5.52 8.85
N PRO A 181 12.71 5.56 8.82
CA PRO A 181 13.43 6.74 9.25
C PRO A 181 13.37 7.87 8.22
N THR A 182 12.87 7.57 7.03
CA THR A 182 12.75 8.58 5.97
C THR A 182 11.33 9.11 5.81
N ASN A 183 10.40 8.66 6.64
CA ASN A 183 9.02 9.10 6.53
C ASN A 183 8.89 10.60 6.81
N GLY A 184 7.70 11.13 6.54
CA GLY A 184 7.43 12.51 6.88
C GLY A 184 7.12 12.68 8.35
N VAL A 185 7.38 13.89 8.85
CA VAL A 185 7.22 14.17 10.27
C VAL A 185 5.82 13.82 10.74
N GLY A 186 4.82 13.95 9.86
CA GLY A 186 3.47 13.56 10.23
C GLY A 186 3.29 12.06 10.36
N TYR A 187 4.04 11.29 9.59
CA TYR A 187 3.96 9.83 9.62
C TYR A 187 5.09 9.20 10.42
N GLN A 188 5.83 9.98 11.20
CA GLN A 188 6.91 9.44 12.01
C GLN A 188 6.41 9.07 13.39
N PRO A 189 7.14 8.23 14.11
CA PRO A 189 6.69 7.81 15.44
C PRO A 189 6.84 8.93 16.45
N TYR A 190 5.90 8.97 17.38
CA TYR A 190 5.84 9.99 18.42
C TYR A 190 5.43 9.29 19.71
N ARG A 191 6.27 9.43 20.74
CA ARG A 191 5.97 8.88 22.05
C ARG A 191 5.10 9.87 22.82
N VAL A 192 4.02 9.36 23.42
CA VAL A 192 3.02 10.17 24.09
C VAL A 192 2.89 9.70 25.53
N VAL A 193 2.82 10.66 26.45
CA VAL A 193 2.65 10.42 27.88
C VAL A 193 1.54 11.34 28.37
N VAL A 194 0.50 10.74 28.94
CA VAL A 194 -0.65 11.48 29.46
C VAL A 194 -0.64 11.35 30.98
N LEU A 195 -0.65 12.48 31.67
CA LEU A 195 -0.64 12.54 33.13
C LEU A 195 -2.06 12.88 33.59
N SER A 196 -2.74 11.90 34.16
CA SER A 196 -4.08 12.07 34.70
C SER A 196 -3.97 12.34 36.19
N PHE A 197 -4.81 13.26 36.69
CA PHE A 197 -4.79 13.68 38.08
C PHE A 197 -6.11 13.32 38.72
N GLU A 198 -6.07 12.49 39.76
CA GLU A 198 -7.25 12.09 40.51
C GLU A 198 -7.38 12.96 41.75
N LEU A 199 -8.62 13.30 42.09
CA LEU A 199 -8.93 14.11 43.27
C LEU A 199 -9.95 13.36 44.10
N LEU A 200 -9.64 13.12 45.37
CA LEU A 200 -10.52 12.35 46.24
C LEU A 200 -10.37 12.77 47.69
N PRO A 203 -7.18 11.62 51.82
CA PRO A 203 -5.75 11.34 51.87
C PRO A 203 -5.09 11.35 50.50
N ALA A 204 -4.25 12.35 50.24
CA ALA A 204 -3.55 12.50 48.98
C ALA A 204 -2.07 12.24 49.20
N THR A 205 -1.52 11.28 48.47
CA THR A 205 -0.15 10.81 48.68
C THR A 205 0.83 11.32 47.64
N VAL A 206 0.44 12.30 46.82
CA VAL A 206 1.32 12.92 45.84
C VAL A 206 1.35 14.41 46.11
N CYS A 207 2.51 15.03 45.88
CA CYS A 207 2.69 16.45 46.17
C CYS A 207 3.80 16.98 45.25
N GLY A 208 4.33 18.16 45.59
CA GLY A 208 5.38 18.77 44.81
C GLY A 208 6.36 19.54 45.69
N GLU B 1 10.96 -19.55 3.55
CA GLU B 1 9.55 -19.80 3.94
C GLU B 1 9.37 -19.69 5.45
N VAL B 2 8.25 -20.20 5.94
CA VAL B 2 7.95 -20.25 7.37
C VAL B 2 7.37 -21.61 7.69
N GLN B 3 7.68 -22.10 8.89
CA GLN B 3 7.11 -23.38 9.33
C GLN B 3 7.04 -23.40 10.85
N LEU B 4 5.82 -23.55 11.36
CA LEU B 4 5.57 -23.71 12.78
C LEU B 4 5.44 -25.21 13.06
N VAL B 5 6.34 -25.73 13.88
CA VAL B 5 6.36 -27.15 14.23
C VAL B 5 5.87 -27.27 15.66
N GLU B 6 4.75 -27.95 15.85
CA GLU B 6 4.13 -28.07 17.17
C GLU B 6 4.49 -29.43 17.77
N SER B 7 4.94 -29.42 19.02
CA SER B 7 5.31 -30.66 19.74
C SER B 7 4.55 -30.66 21.06
N GLY B 8 4.57 -31.77 21.78
CA GLY B 8 3.81 -31.90 23.03
C GLY B 8 2.36 -32.13 22.71
N GLY B 9 1.58 -32.62 23.66
CA GLY B 9 0.15 -32.84 23.44
C GLY B 9 -0.15 -34.26 23.03
N GLY B 10 -0.79 -35.04 23.91
CA GLY B 10 -1.19 -36.41 23.62
C GLY B 10 -2.46 -36.73 24.38
N LEU B 11 -2.39 -37.65 25.34
CA LEU B 11 -3.55 -38.08 26.11
C LEU B 11 -3.37 -37.60 27.55
N VAL B 12 -4.45 -37.07 28.12
CA VAL B 12 -4.43 -36.57 29.50
C VAL B 12 -5.68 -37.06 30.20
N GLN B 13 -5.68 -36.92 31.51
CA GLN B 13 -6.80 -37.32 32.34
C GLN B 13 -7.61 -36.09 32.73
N PRO B 14 -8.94 -36.18 32.84
CA PRO B 14 -9.70 -35.02 33.29
C PRO B 14 -9.15 -34.50 34.60
N GLY B 15 -9.05 -33.16 34.70
CA GLY B 15 -8.44 -32.53 35.85
C GLY B 15 -6.93 -32.44 35.79
N GLY B 16 -6.28 -33.09 34.84
CA GLY B 16 -4.83 -33.05 34.72
C GLY B 16 -4.35 -31.77 34.07
N SER B 17 -3.10 -31.81 33.61
CA SER B 17 -2.46 -30.65 33.00
C SER B 17 -1.63 -31.11 31.80
N LEU B 18 -1.21 -30.13 31.00
CA LEU B 18 -0.46 -30.45 29.78
C LEU B 18 0.12 -29.16 29.21
N ARG B 19 1.36 -29.24 28.73
CA ARG B 19 2.04 -28.10 28.13
C ARG B 19 2.36 -28.42 26.68
N LEU B 20 1.88 -27.59 25.77
CA LEU B 20 2.19 -27.68 24.35
C LEU B 20 3.23 -26.63 23.99
N SER B 21 4.08 -26.96 23.02
CA SER B 21 5.12 -26.04 22.57
C SER B 21 5.07 -25.95 21.06
N CYS B 22 5.51 -24.80 20.53
CA CYS B 22 5.56 -24.57 19.10
C CYS B 22 6.83 -23.81 18.77
N ALA B 23 7.52 -24.26 17.72
CA ALA B 23 8.82 -23.74 17.32
C ALA B 23 8.75 -23.28 15.88
N ALA B 24 9.15 -22.03 15.64
CA ALA B 24 9.11 -21.45 14.30
C ALA B 24 10.48 -21.57 13.64
N SER B 25 10.45 -21.76 12.31
CA SER B 25 11.68 -21.86 11.54
C SER B 25 11.46 -21.25 10.18
N GLY B 26 12.38 -20.37 9.77
CA GLY B 26 12.30 -19.76 8.46
C GLY B 26 12.60 -18.28 8.51
N ARG B 27 11.82 -17.48 7.80
CA ARG B 27 12.02 -16.04 7.76
C ARG B 27 11.53 -15.42 9.06
N THR B 28 12.29 -14.46 9.58
CA THR B 28 11.90 -13.76 10.79
C THR B 28 10.68 -12.87 10.52
N PHE B 29 9.74 -12.88 11.45
CA PHE B 29 8.49 -12.17 11.27
C PHE B 29 8.65 -10.68 11.49
N ARG B 30 7.99 -9.88 10.65
CA ARG B 30 8.01 -8.43 10.80
C ARG B 30 7.39 -7.97 12.11
N VAL B 31 6.54 -8.80 12.73
CA VAL B 31 5.92 -8.46 14.00
C VAL B 31 6.04 -9.67 14.93
N ASN B 32 6.00 -9.39 16.22
CA ASN B 32 6.10 -10.42 17.25
C ASN B 32 4.78 -10.52 18.00
N LEU B 33 3.87 -11.34 17.48
CA LEU B 33 2.60 -11.62 18.15
C LEU B 33 2.10 -12.96 17.61
N MET B 34 1.86 -13.91 18.51
CA MET B 34 1.47 -15.26 18.12
C MET B 34 0.28 -15.71 18.97
N GLY B 35 -0.27 -16.86 18.65
CA GLY B 35 -1.43 -17.35 19.36
C GLY B 35 -1.67 -18.83 19.14
N TRP B 36 -2.51 -19.39 20.00
CA TRP B 36 -2.93 -20.78 19.88
C TRP B 36 -4.42 -20.82 19.56
N PHE B 37 -4.80 -21.77 18.73
CA PHE B 37 -6.18 -21.98 18.32
C PHE B 37 -6.57 -23.40 18.63
N ARG B 38 -7.88 -23.65 18.75
CA ARG B 38 -8.38 -24.96 19.09
C ARG B 38 -9.58 -25.26 18.20
N GLN B 39 -9.47 -26.32 17.40
CA GLN B 39 -10.58 -26.78 16.57
C GLN B 39 -11.04 -28.12 17.13
N ALA B 40 -12.25 -28.14 17.68
CA ALA B 40 -12.89 -29.35 18.17
C ALA B 40 -13.63 -30.06 17.03
N PRO B 41 -13.80 -31.38 17.11
CA PRO B 41 -14.57 -32.07 16.06
C PRO B 41 -16.01 -31.62 16.05
N GLY B 42 -16.44 -31.09 14.90
CA GLY B 42 -17.79 -30.58 14.76
C GLY B 42 -17.97 -29.14 15.14
N LYS B 43 -16.89 -28.42 15.42
CA LYS B 43 -16.95 -27.00 15.76
C LYS B 43 -15.97 -26.23 14.88
N GLY B 44 -16.10 -24.92 14.91
CA GLY B 44 -15.21 -24.07 14.16
C GLY B 44 -13.93 -23.79 14.94
N ARG B 45 -12.94 -23.27 14.23
CA ARG B 45 -11.68 -22.93 14.88
C ARG B 45 -11.92 -21.85 15.92
N GLU B 46 -11.44 -22.09 17.14
CA GLU B 46 -11.63 -21.17 18.25
C GLU B 46 -10.30 -20.58 18.68
N LEU B 47 -10.37 -19.39 19.27
CA LEU B 47 -9.22 -18.74 19.86
C LEU B 47 -9.12 -19.14 21.33
N VAL B 48 -7.95 -19.63 21.73
CA VAL B 48 -7.71 -20.03 23.11
C VAL B 48 -6.84 -19.01 23.83
N ALA B 49 -5.83 -18.48 23.16
CA ALA B 49 -4.93 -17.50 23.79
C ALA B 49 -4.10 -16.83 22.70
N SER B 50 -3.67 -15.61 23.00
CA SER B 50 -2.80 -14.85 22.10
C SER B 50 -1.82 -14.07 22.97
N ILE B 51 -0.58 -14.00 22.53
CA ILE B 51 0.49 -13.32 23.24
C ILE B 51 1.17 -12.34 22.30
N ASN B 52 1.43 -11.13 22.79
CA ASN B 52 2.22 -10.15 22.05
C ASN B 52 3.65 -10.20 22.58
N GLY B 53 4.59 -10.55 21.72
CA GLY B 53 5.97 -10.68 22.15
C GLY B 53 6.71 -9.36 22.24
N PHE B 54 6.33 -8.38 21.42
CA PHE B 54 6.92 -7.06 21.54
C PHE B 54 6.60 -6.44 22.90
N ASP B 55 5.39 -6.67 23.38
CA ASP B 55 4.95 -6.25 24.70
C ASP B 55 4.92 -7.47 25.62
N ASP B 56 4.46 -7.25 26.84
CA ASP B 56 4.25 -8.32 27.81
C ASP B 56 2.75 -8.49 28.06
N ILE B 57 1.97 -8.45 26.99
CA ILE B 57 0.52 -8.39 27.07
C ILE B 57 -0.06 -9.65 26.44
N THR B 58 -0.93 -10.32 27.20
CA THR B 58 -1.60 -11.54 26.78
C THR B 58 -3.11 -11.30 26.73
N TYR B 59 -3.78 -12.07 25.88
CA TYR B 59 -5.23 -11.98 25.75
C TYR B 59 -5.83 -13.37 25.70
N TYR B 60 -6.80 -13.61 26.58
CA TYR B 60 -7.54 -14.85 26.63
C TYR B 60 -9.02 -14.56 26.44
N PRO B 61 -9.69 -15.22 25.49
CA PRO B 61 -11.14 -15.05 25.38
C PRO B 61 -11.86 -15.59 26.61
N ASP B 62 -13.06 -15.08 26.83
CA ASP B 62 -13.81 -15.40 28.04
C ASP B 62 -14.09 -16.89 28.19
N SER B 63 -13.92 -17.70 27.13
CA SER B 63 -14.25 -19.11 27.25
C SER B 63 -13.26 -19.82 28.17
N VAL B 64 -11.96 -19.56 28.00
CA VAL B 64 -10.92 -20.16 28.82
C VAL B 64 -9.91 -19.05 29.14
N GLU B 65 -9.88 -18.60 30.38
CA GLU B 65 -8.99 -17.51 30.78
C GLU B 65 -8.17 -17.93 31.99
N GLY B 66 -8.86 -18.27 33.08
CA GLY B 66 -8.20 -18.65 34.31
C GLY B 66 -7.62 -20.05 34.32
N ARG B 67 -7.86 -20.82 33.25
CA ARG B 67 -7.42 -22.20 33.17
C ARG B 67 -6.19 -22.38 32.29
N PHE B 68 -6.10 -21.69 31.17
CA PHE B 68 -4.98 -21.81 30.24
C PHE B 68 -4.09 -20.58 30.33
N THR B 69 -2.82 -20.76 29.98
CA THR B 69 -1.86 -19.66 29.98
C THR B 69 -0.89 -19.83 28.83
N ILE B 70 -0.52 -18.72 28.19
CA ILE B 70 0.36 -18.72 27.04
C ILE B 70 1.64 -17.95 27.40
N SER B 71 2.78 -18.49 26.98
CA SER B 71 4.08 -17.91 27.27
C SER B 71 4.94 -17.97 26.01
N ARG B 72 6.10 -17.31 26.06
CA ARG B 72 6.98 -17.26 24.90
C ARG B 72 8.44 -17.27 25.34
N ASP B 73 9.29 -17.83 24.47
CA ASP B 73 10.75 -17.79 24.62
C ASP B 73 11.27 -17.17 23.32
N ASN B 74 11.56 -15.86 23.36
CA ASN B 74 11.93 -15.13 22.16
C ASN B 74 13.23 -15.66 21.55
N ALA B 75 14.22 -15.93 22.38
CA ALA B 75 15.52 -16.37 21.86
C ALA B 75 15.39 -17.68 21.10
N LYS B 76 14.61 -18.62 21.62
CA LYS B 76 14.42 -19.92 20.98
C LYS B 76 13.30 -19.91 19.95
N ARG B 77 12.65 -18.78 19.72
CA ARG B 77 11.50 -18.70 18.82
C ARG B 77 10.41 -19.69 19.24
N MET B 78 10.26 -19.92 20.54
CA MET B 78 9.29 -20.87 21.05
C MET B 78 8.07 -20.15 21.60
N VAL B 79 6.92 -20.83 21.55
CA VAL B 79 5.71 -20.35 22.20
C VAL B 79 5.02 -21.53 22.85
N TYR B 80 4.61 -21.37 24.11
CA TYR B 80 4.06 -22.46 24.90
C TYR B 80 2.65 -22.12 25.34
N LEU B 81 1.87 -23.17 25.55
CA LEU B 81 0.50 -23.06 26.06
C LEU B 81 0.32 -24.14 27.12
N GLN B 82 0.20 -23.74 28.38
CA GLN B 82 -0.04 -24.67 29.47
C GLN B 82 -1.52 -24.66 29.83
N MET B 83 -2.10 -25.86 29.91
CA MET B 83 -3.51 -26.07 30.18
C MET B 83 -3.64 -26.86 31.47
N ASN B 84 -4.46 -26.36 32.39
CA ASN B 84 -4.63 -26.96 33.71
C ASN B 84 -6.11 -27.23 33.96
N SER B 85 -6.36 -28.23 34.80
CA SER B 85 -7.71 -28.69 35.10
C SER B 85 -8.45 -29.04 33.81
N LEU B 86 -7.77 -29.75 32.91
CA LEU B 86 -8.34 -30.08 31.62
C LEU B 86 -9.61 -30.91 31.79
N ARG B 87 -10.66 -30.53 31.07
CA ARG B 87 -11.93 -31.26 31.08
C ARG B 87 -12.14 -31.95 29.73
N ALA B 88 -13.12 -32.85 29.71
CA ALA B 88 -13.45 -33.56 28.48
C ALA B 88 -13.87 -32.62 27.37
N GLU B 89 -14.35 -31.42 27.71
CA GLU B 89 -14.72 -30.46 26.68
C GLU B 89 -13.51 -30.01 25.85
N ASP B 90 -12.31 -30.10 26.42
CA ASP B 90 -11.10 -29.58 25.79
C ASP B 90 -10.53 -30.50 24.72
N THR B 91 -11.09 -31.68 24.52
CA THR B 91 -10.59 -32.57 23.48
C THR B 91 -10.64 -31.86 22.13
N ALA B 92 -9.47 -31.70 21.50
CA ALA B 92 -9.43 -30.99 20.24
C ALA B 92 -8.03 -30.95 19.64
N VAL B 93 -7.90 -30.37 18.44
CA VAL B 93 -6.61 -30.14 17.82
C VAL B 93 -6.20 -28.70 18.11
N TYR B 94 -4.99 -28.53 18.63
CA TYR B 94 -4.46 -27.22 18.98
C TYR B 94 -3.46 -26.80 17.91
N TYR B 95 -3.66 -25.62 17.34
CA TYR B 95 -2.88 -25.09 16.25
C TYR B 95 -2.06 -23.88 16.69
N CYS B 96 -0.91 -23.70 16.04
CA CYS B 96 -0.03 -22.57 16.27
C CYS B 96 -0.25 -21.51 15.20
N ALA B 97 -0.21 -20.24 15.59
CA ALA B 97 -0.46 -19.13 14.68
C ALA B 97 0.61 -18.07 14.90
N ALA B 98 1.35 -17.73 13.84
CA ALA B 98 2.37 -16.70 13.89
C ALA B 98 1.98 -15.57 12.93
N TYR B 99 1.71 -14.39 13.47
CA TYR B 99 1.23 -13.28 12.67
C TYR B 99 2.41 -12.50 12.10
N ASP B 100 2.24 -12.04 10.86
CA ASP B 100 3.22 -11.22 10.15
C ASP B 100 2.52 -10.04 9.49
N SER B 101 3.29 -9.17 8.86
CA SER B 101 2.78 -7.98 8.20
C SER B 101 3.20 -7.96 6.74
N ASP B 102 2.33 -7.41 5.90
CA ASP B 102 2.66 -7.13 4.51
C ASP B 102 3.24 -5.73 4.40
N TYR B 103 3.76 -5.41 3.21
CA TYR B 103 4.28 -4.08 2.96
C TYR B 103 3.24 -3.02 3.30
N ASP B 104 1.96 -3.29 2.99
CA ASP B 104 0.91 -2.33 3.30
C ASP B 104 0.69 -2.17 4.79
N GLY B 105 1.04 -3.18 5.57
CA GLY B 105 0.85 -3.17 7.01
C GLY B 105 -0.25 -4.08 7.50
N ARG B 106 -1.08 -4.60 6.59
CA ARG B 106 -2.13 -5.53 6.96
C ARG B 106 -1.52 -6.82 7.50
N LEU B 107 -2.06 -7.31 8.61
CA LEU B 107 -1.48 -8.47 9.28
C LEU B 107 -2.10 -9.75 8.74
N PHE B 108 -1.24 -10.68 8.33
CA PHE B 108 -1.67 -12.02 7.95
C PHE B 108 -1.14 -13.02 8.97
N ASN B 109 -1.34 -14.31 8.70
CA ASN B 109 -1.13 -15.35 9.69
C ASN B 109 -0.57 -16.63 9.06
N TYR B 110 0.53 -17.13 9.63
CA TYR B 110 1.10 -18.41 9.27
C TYR B 110 0.61 -19.46 10.27
N TRP B 111 0.35 -20.66 9.77
CA TRP B 111 -0.23 -21.72 10.59
C TRP B 111 0.73 -22.88 10.76
N GLY B 112 0.64 -23.53 11.92
CA GLY B 112 1.32 -24.79 12.13
C GLY B 112 0.40 -25.96 11.85
N GLN B 113 0.99 -27.15 11.83
CA GLN B 113 0.20 -28.34 11.52
C GLN B 113 -0.84 -28.64 12.60
N GLY B 114 -0.52 -28.37 13.85
CA GLY B 114 -1.44 -28.70 14.92
C GLY B 114 -1.11 -30.02 15.59
N THR B 115 -1.41 -30.12 16.89
CA THR B 115 -1.24 -31.34 17.65
C THR B 115 -2.53 -31.67 18.37
N GLN B 116 -2.91 -32.95 18.36
CA GLN B 116 -4.17 -33.38 18.95
C GLN B 116 -3.99 -33.66 20.44
N VAL B 117 -4.97 -33.24 21.24
CA VAL B 117 -4.99 -33.53 22.67
C VAL B 117 -6.38 -34.01 23.05
N THR B 118 -6.44 -35.16 23.70
CA THR B 118 -7.70 -35.78 24.11
C THR B 118 -7.72 -35.95 25.62
N VAL B 119 -8.89 -35.74 26.22
CA VAL B 119 -9.09 -35.83 27.67
C VAL B 119 -10.19 -36.85 27.90
N SER B 120 -9.79 -38.10 28.16
CA SER B 120 -10.73 -39.19 28.37
C SER B 120 -10.39 -39.91 29.67
N SER B 121 -11.42 -40.47 30.30
CA SER B 121 -11.25 -41.20 31.55
C SER B 121 -10.65 -42.58 31.29
N ILE C 14 -10.76 3.94 -55.87
CA ILE C 14 -9.87 2.93 -56.41
C ILE C 14 -9.00 2.34 -55.31
N THR C 15 -8.72 3.14 -54.27
CA THR C 15 -7.80 2.77 -53.22
C THR C 15 -8.54 2.53 -51.91
N ASN C 16 -7.79 2.06 -50.92
CA ASN C 16 -8.29 1.76 -49.59
C ASN C 16 -7.41 2.45 -48.56
N LEU C 17 -8.02 2.99 -47.51
CA LEU C 17 -7.26 3.58 -46.42
C LEU C 17 -7.08 2.57 -45.29
N CYS C 18 -5.98 2.74 -44.57
CA CYS C 18 -5.62 1.79 -43.52
C CYS C 18 -6.63 1.84 -42.38
N PRO C 19 -6.91 0.70 -41.74
CA PRO C 19 -7.92 0.68 -40.67
C PRO C 19 -7.35 1.15 -39.33
N PHE C 20 -6.88 2.40 -39.31
CA PHE C 20 -6.31 2.96 -38.09
C PHE C 20 -7.39 3.27 -37.07
N GLY C 21 -8.60 3.60 -37.53
CA GLY C 21 -9.69 3.83 -36.61
C GLY C 21 -10.04 2.59 -35.81
N GLU C 22 -9.89 1.42 -36.42
CA GLU C 22 -10.10 0.16 -35.69
C GLU C 22 -9.11 0.03 -34.54
N VAL C 23 -7.93 0.63 -34.67
CA VAL C 23 -6.88 0.50 -33.66
C VAL C 23 -7.04 1.55 -32.58
N PHE C 24 -7.08 2.81 -32.98
CA PHE C 24 -7.09 3.90 -32.00
C PHE C 24 -8.45 4.02 -31.30
N ASN C 25 -9.52 4.14 -32.08
CA ASN C 25 -10.86 4.33 -31.54
C ASN C 25 -11.52 3.03 -31.12
N ALA C 26 -10.75 1.98 -30.83
CA ALA C 26 -11.33 0.73 -30.37
C ALA C 26 -12.03 0.94 -29.02
N THR C 27 -13.10 0.17 -28.82
CA THR C 27 -13.88 0.29 -27.59
C THR C 27 -13.09 -0.21 -26.37
N ARG C 28 -12.37 -1.33 -26.53
CA ARG C 28 -11.61 -1.94 -25.46
C ARG C 28 -10.22 -2.29 -25.97
N PHE C 29 -9.22 -2.02 -25.13
CA PHE C 29 -7.83 -2.29 -25.47
C PHE C 29 -7.35 -3.56 -24.78
N ALA C 30 -6.28 -4.13 -25.32
CA ALA C 30 -5.74 -5.36 -24.80
C ALA C 30 -4.79 -5.08 -23.64
N SER C 31 -4.64 -6.08 -22.78
CA SER C 31 -3.68 -5.99 -21.69
C SER C 31 -2.26 -5.96 -22.24
N VAL C 32 -1.35 -5.35 -21.48
CA VAL C 32 0.00 -5.16 -21.98
C VAL C 32 0.71 -6.50 -22.15
N TYR C 33 0.47 -7.45 -21.25
CA TYR C 33 1.10 -8.76 -21.39
C TYR C 33 0.61 -9.48 -22.64
N ALA C 34 -0.64 -9.26 -23.03
CA ALA C 34 -1.21 -9.82 -24.26
C ALA C 34 -1.46 -8.73 -25.29
N TRP C 35 -0.51 -7.82 -25.44
CA TRP C 35 -0.66 -6.71 -26.38
C TRP C 35 -1.08 -7.21 -27.75
N ASN C 36 -1.99 -6.47 -28.40
CA ASN C 36 -2.53 -6.87 -29.67
C ASN C 36 -1.73 -6.25 -30.82
N ARG C 37 -1.69 -6.94 -31.96
CA ARG C 37 -0.98 -6.46 -33.14
C ARG C 37 -1.88 -6.59 -34.36
N LYS C 38 -1.85 -5.57 -35.22
CA LYS C 38 -2.64 -5.55 -36.45
C LYS C 38 -1.73 -5.18 -37.61
N ARG C 39 -1.64 -6.06 -38.61
CA ARG C 39 -0.85 -5.77 -39.80
C ARG C 39 -1.60 -4.86 -40.76
N ILE C 40 -0.89 -3.85 -41.27
CA ILE C 40 -1.40 -2.85 -42.19
C ILE C 40 -0.51 -2.90 -43.43
N SER C 41 -0.96 -3.65 -44.44
CA SER C 41 -0.35 -3.69 -45.76
C SER C 41 -1.40 -3.38 -46.81
N ASN C 42 -0.94 -2.94 -47.98
CA ASN C 42 -1.80 -2.69 -49.14
C ASN C 42 -2.91 -1.68 -48.80
N CYS C 43 -2.48 -0.46 -48.52
CA CYS C 43 -3.41 0.62 -48.23
C CYS C 43 -2.71 1.95 -48.53
N VAL C 44 -3.45 3.04 -48.34
CA VAL C 44 -2.92 4.39 -48.45
C VAL C 44 -3.19 5.11 -47.14
N ALA C 45 -2.13 5.39 -46.38
CA ALA C 45 -2.25 5.96 -45.06
C ALA C 45 -2.17 7.48 -45.11
N ASP C 46 -2.93 8.13 -44.23
CA ASP C 46 -2.88 9.59 -44.07
C ASP C 46 -2.47 9.86 -42.62
N TYR C 47 -1.18 10.10 -42.41
CA TYR C 47 -0.67 10.30 -41.07
C TYR C 47 -1.02 11.68 -40.51
N SER C 48 -1.35 12.63 -41.38
CA SER C 48 -1.84 13.92 -40.89
C SER C 48 -3.21 13.78 -40.25
N VAL C 49 -4.08 12.98 -40.86
CA VAL C 49 -5.40 12.73 -40.28
C VAL C 49 -5.30 11.96 -38.97
N LEU C 50 -4.16 11.30 -38.73
CA LEU C 50 -4.04 10.47 -37.53
C LEU C 50 -4.00 11.33 -36.28
N TYR C 51 -3.14 12.35 -36.24
CA TYR C 51 -2.99 13.14 -35.03
C TYR C 51 -4.25 13.95 -34.73
N ASN C 52 -4.79 14.63 -35.74
CA ASN C 52 -5.87 15.58 -35.53
C ASN C 52 -7.23 14.92 -35.32
N SER C 53 -7.28 13.59 -35.25
CA SER C 53 -8.52 12.91 -34.88
C SER C 53 -8.71 12.83 -33.37
N ALA C 54 -7.64 13.01 -32.59
CA ALA C 54 -7.71 12.98 -31.15
C ALA C 54 -6.53 13.79 -30.60
N SER C 55 -6.57 14.05 -29.31
CA SER C 55 -5.45 14.68 -28.62
C SER C 55 -4.67 13.60 -27.87
N PHE C 56 -3.42 13.41 -28.25
CA PHE C 56 -2.54 12.45 -27.59
C PHE C 56 -1.67 13.19 -26.60
N SER C 57 -1.37 12.54 -25.47
CA SER C 57 -0.44 13.08 -24.49
C SER C 57 0.99 12.63 -24.74
N THR C 58 1.22 11.77 -25.73
CA THR C 58 2.57 11.34 -26.07
C THR C 58 2.61 10.97 -27.55
N PHE C 59 3.56 11.57 -28.28
CA PHE C 59 3.74 11.30 -29.70
C PHE C 59 5.24 11.42 -29.98
N LYS C 60 5.94 10.30 -30.01
CA LYS C 60 7.38 10.29 -30.21
C LYS C 60 7.72 9.33 -31.33
N CYS C 61 8.52 9.78 -32.29
CA CYS C 61 8.89 8.97 -33.45
C CYS C 61 10.39 8.74 -33.47
N TYR C 62 10.78 7.50 -33.64
CA TYR C 62 12.18 7.08 -33.61
C TYR C 62 12.57 6.56 -34.98
N GLY C 63 13.58 7.18 -35.60
CA GLY C 63 14.10 6.70 -36.85
C GLY C 63 13.35 7.12 -38.09
N VAL C 64 12.26 7.87 -37.96
CA VAL C 64 11.44 8.25 -39.10
C VAL C 64 11.10 9.73 -38.96
N SER C 65 10.75 10.33 -40.09
CA SER C 65 10.47 11.77 -40.14
C SER C 65 9.00 11.98 -40.46
N PRO C 66 8.18 12.40 -39.49
CA PRO C 66 6.75 12.58 -39.77
C PRO C 66 6.46 13.59 -40.86
N THR C 67 7.38 14.52 -41.13
CA THR C 67 7.22 15.41 -42.27
C THR C 67 7.28 14.63 -43.57
N LYS C 68 8.42 14.00 -43.85
CA LYS C 68 8.59 13.21 -45.06
C LYS C 68 7.83 11.89 -45.01
N LEU C 69 7.20 11.57 -43.87
CA LEU C 69 6.47 10.31 -43.77
C LEU C 69 5.44 10.17 -44.89
N ASN C 70 4.81 11.29 -45.27
CA ASN C 70 3.74 11.22 -46.27
C ASN C 70 4.26 10.72 -47.61
N ASP C 71 5.38 11.28 -48.09
CA ASP C 71 5.93 10.92 -49.38
C ASP C 71 6.88 9.73 -49.31
N LEU C 72 6.80 8.92 -48.26
CA LEU C 72 7.59 7.70 -48.12
C LEU C 72 6.65 6.53 -47.99
N CYS C 73 6.86 5.50 -48.82
CA CYS C 73 6.00 4.33 -48.88
C CYS C 73 6.71 3.16 -48.21
N PHE C 74 6.08 2.58 -47.20
CA PHE C 74 6.59 1.41 -46.51
C PHE C 74 5.95 0.14 -47.06
N THR C 75 6.46 -1.00 -46.61
CA THR C 75 5.95 -2.29 -47.05
C THR C 75 5.10 -2.96 -45.97
N ASN C 76 5.68 -3.26 -44.81
CA ASN C 76 4.98 -3.89 -43.71
C ASN C 76 4.76 -2.86 -42.61
N VAL C 77 3.50 -2.48 -42.37
CA VAL C 77 3.17 -1.60 -41.25
C VAL C 77 2.48 -2.45 -40.19
N TYR C 78 2.76 -2.16 -38.92
CA TYR C 78 2.12 -2.88 -37.83
C TYR C 78 1.67 -1.91 -36.75
N ALA C 79 0.42 -2.03 -36.33
CA ALA C 79 -0.15 -1.23 -35.25
C ALA C 79 -0.33 -2.15 -34.05
N ASP C 80 0.55 -2.04 -33.07
CA ASP C 80 0.41 -2.73 -31.80
C ASP C 80 -0.29 -1.82 -30.81
N SER C 81 -1.14 -2.42 -29.98
CA SER C 81 -1.92 -1.65 -29.02
C SER C 81 -1.94 -2.37 -27.68
N PHE C 82 -1.96 -1.59 -26.60
CA PHE C 82 -2.07 -2.13 -25.25
C PHE C 82 -2.39 -1.00 -24.29
N VAL C 83 -2.45 -1.34 -23.00
CA VAL C 83 -2.76 -0.39 -21.94
C VAL C 83 -1.72 -0.55 -20.83
N ILE C 84 -1.22 0.57 -20.30
CA ILE C 84 -0.30 0.55 -19.17
C ILE C 84 -0.53 1.81 -18.35
N ARG C 85 0.16 1.96 -17.23
CA ARG C 85 0.00 3.19 -16.46
C ARG C 85 1.01 4.24 -16.90
N GLY C 86 0.66 5.51 -16.67
CA GLY C 86 1.48 6.60 -17.19
C GLY C 86 2.94 6.46 -16.84
N ASP C 87 3.23 6.13 -15.57
CA ASP C 87 4.62 6.00 -15.13
C ASP C 87 5.43 5.08 -16.04
N GLU C 88 4.77 4.10 -16.66
CA GLU C 88 5.46 3.12 -17.47
C GLU C 88 5.56 3.49 -18.94
N VAL C 89 4.89 4.57 -19.37
CA VAL C 89 4.91 4.94 -20.78
C VAL C 89 6.32 5.28 -21.24
N ARG C 90 7.19 5.71 -20.33
CA ARG C 90 8.56 6.02 -20.71
C ARG C 90 9.36 4.78 -21.07
N GLN C 91 8.81 3.58 -20.84
CA GLN C 91 9.48 2.33 -21.19
C GLN C 91 9.12 1.84 -22.58
N ILE C 92 8.11 2.43 -23.22
CA ILE C 92 7.72 2.04 -24.57
C ILE C 92 8.60 2.82 -25.54
N ALA C 93 9.90 2.55 -25.50
CA ALA C 93 10.86 3.22 -26.36
C ALA C 93 12.10 2.34 -26.45
N PRO C 94 12.95 2.55 -27.45
CA PRO C 94 14.11 1.68 -27.62
C PRO C 94 15.04 1.75 -26.40
N GLY C 95 15.66 0.62 -26.10
CA GLY C 95 16.67 0.59 -25.05
C GLY C 95 16.17 1.03 -23.70
N GLN C 96 14.93 0.67 -23.36
CA GLN C 96 14.38 0.96 -22.04
C GLN C 96 14.21 -0.34 -21.25
N THR C 97 14.24 -0.21 -19.92
CA THR C 97 14.09 -1.34 -19.02
C THR C 97 12.96 -1.07 -18.04
N GLY C 98 12.59 -2.12 -17.32
CA GLY C 98 11.50 -2.06 -16.37
C GLY C 98 10.63 -3.29 -16.49
N LYS C 99 9.54 -3.35 -15.75
CA LYS C 99 8.65 -4.50 -15.84
C LYS C 99 8.07 -4.62 -17.24
N ILE C 100 7.55 -3.52 -17.79
CA ILE C 100 6.88 -3.57 -19.08
C ILE C 100 7.89 -3.80 -20.20
N ALA C 101 9.04 -3.12 -20.14
CA ALA C 101 10.01 -3.25 -21.23
C ALA C 101 10.68 -4.61 -21.22
N ASP C 102 10.74 -5.27 -20.07
CA ASP C 102 11.48 -6.53 -19.94
C ASP C 102 10.59 -7.76 -20.02
N TYR C 103 9.33 -7.68 -19.59
CA TYR C 103 8.48 -8.86 -19.46
C TYR C 103 7.15 -8.72 -20.19
N ASN C 104 6.95 -7.66 -20.98
CA ASN C 104 5.67 -7.47 -21.65
C ASN C 104 5.86 -7.08 -23.12
N TYR C 105 6.35 -5.87 -23.38
CA TYR C 105 6.51 -5.36 -24.74
C TYR C 105 7.89 -4.75 -24.88
N LYS C 106 8.74 -5.34 -25.70
CA LYS C 106 10.11 -4.89 -25.91
C LYS C 106 10.24 -4.30 -27.31
N LEU C 107 10.76 -3.08 -27.39
CA LEU C 107 11.04 -2.48 -28.68
C LEU C 107 12.52 -2.64 -29.01
N PRO C 108 12.88 -2.99 -30.24
CA PRO C 108 14.29 -3.21 -30.55
C PRO C 108 15.07 -1.90 -30.53
N ASP C 109 16.39 -2.04 -30.47
CA ASP C 109 17.24 -0.86 -30.45
C ASP C 109 17.17 -0.11 -31.77
N ASP C 110 16.91 -0.81 -32.87
CA ASP C 110 16.79 -0.20 -34.19
C ASP C 110 15.32 0.07 -34.57
N PHE C 111 14.49 0.41 -33.58
CA PHE C 111 13.08 0.65 -33.87
C PHE C 111 12.95 1.82 -34.84
N THR C 112 12.22 1.60 -35.93
CA THR C 112 11.96 2.62 -36.94
C THR C 112 10.45 2.79 -37.03
N GLY C 113 9.91 3.65 -36.18
CA GLY C 113 8.48 3.83 -36.12
C GLY C 113 8.06 4.95 -35.21
N CYS C 114 6.85 4.86 -34.65
CA CYS C 114 6.34 5.88 -33.75
C CYS C 114 5.60 5.22 -32.59
N VAL C 115 5.52 5.96 -31.49
CA VAL C 115 4.85 5.53 -30.28
C VAL C 115 3.91 6.66 -29.87
N ILE C 116 2.62 6.35 -29.78
CA ILE C 116 1.58 7.29 -29.42
C ILE C 116 0.90 6.76 -28.17
N ALA C 117 0.47 7.67 -27.32
CA ALA C 117 -0.19 7.24 -26.09
C ALA C 117 -1.06 8.37 -25.57
N TRP C 118 -2.16 7.99 -24.92
CA TRP C 118 -3.10 8.96 -24.38
C TRP C 118 -3.78 8.41 -23.14
N ASN C 119 -4.05 9.30 -22.20
CA ASN C 119 -4.74 8.93 -20.98
C ASN C 119 -6.11 8.35 -21.32
N SER C 120 -6.53 7.36 -20.52
CA SER C 120 -7.81 6.69 -20.76
C SER C 120 -8.56 6.45 -19.46
N ASN C 121 -8.38 7.32 -18.47
CA ASN C 121 -9.04 7.13 -17.18
C ASN C 121 -10.55 7.14 -17.30
N ASN C 122 -11.09 7.71 -18.38
CA ASN C 122 -12.54 7.78 -18.55
C ASN C 122 -13.12 6.51 -19.12
N LEU C 123 -12.30 5.54 -19.50
CA LEU C 123 -12.78 4.26 -20.01
C LEU C 123 -12.22 3.07 -19.25
N ASP C 124 -10.95 3.12 -18.86
CA ASP C 124 -10.24 1.97 -18.30
C ASP C 124 -10.04 2.08 -16.79
N SER C 125 -10.93 2.78 -16.09
CA SER C 125 -10.87 2.86 -14.64
C SER C 125 -12.27 2.86 -14.07
N LYS C 126 -12.47 2.04 -13.04
CA LYS C 126 -13.77 1.88 -12.40
C LYS C 126 -13.64 2.17 -10.90
N VAL C 127 -14.70 2.70 -10.30
CA VAL C 127 -14.73 2.83 -8.86
C VAL C 127 -14.55 1.45 -8.25
N GLY C 128 -13.67 1.36 -7.26
CA GLY C 128 -13.33 0.08 -6.69
C GLY C 128 -12.24 -0.66 -7.42
N GLY C 129 -11.79 -0.15 -8.57
CA GLY C 129 -10.67 -0.75 -9.28
C GLY C 129 -11.08 -1.57 -10.47
N ASN C 130 -10.43 -1.33 -11.61
CA ASN C 130 -10.64 -2.13 -12.81
C ASN C 130 -9.48 -3.10 -12.89
N TYR C 131 -9.69 -4.32 -12.41
CA TYR C 131 -8.63 -5.31 -12.32
C TYR C 131 -8.52 -6.17 -13.57
N ASN C 132 -9.23 -5.81 -14.65
CA ASN C 132 -9.21 -6.65 -15.85
C ASN C 132 -7.89 -6.56 -16.60
N TYR C 133 -7.20 -5.42 -16.47
CA TYR C 133 -5.94 -5.20 -17.17
C TYR C 133 -4.80 -5.77 -16.32
N LEU C 134 -4.04 -6.69 -16.89
CA LEU C 134 -2.97 -7.37 -16.18
C LEU C 134 -1.64 -7.12 -16.87
N TYR C 135 -0.55 -7.37 -16.14
CA TYR C 135 0.79 -7.27 -16.69
C TYR C 135 1.69 -8.26 -15.95
N ARG C 136 2.74 -8.69 -16.64
CA ARG C 136 3.67 -9.67 -16.10
C ARG C 136 4.74 -8.97 -15.27
N LEU C 137 5.05 -9.55 -14.10
CA LEU C 137 6.05 -8.96 -13.21
C LEU C 137 7.44 -9.55 -13.43
N PHE C 138 7.52 -10.87 -13.53
CA PHE C 138 8.79 -11.58 -13.56
C PHE C 138 8.75 -12.68 -14.61
N ARG C 139 9.91 -12.93 -15.21
CA ARG C 139 10.14 -14.06 -16.10
C ARG C 139 11.49 -14.66 -15.80
N LYS C 140 11.73 -15.86 -16.32
CA LYS C 140 13.06 -16.46 -16.25
C LYS C 140 14.05 -15.71 -17.13
N SER C 141 13.57 -14.95 -18.12
CA SER C 141 14.44 -14.20 -19.01
C SER C 141 13.66 -12.99 -19.54
N ASN C 142 14.37 -12.13 -20.25
CA ASN C 142 13.76 -10.95 -20.86
C ASN C 142 13.11 -11.31 -22.20
N LEU C 143 12.26 -10.41 -22.68
CA LEU C 143 11.55 -10.63 -23.93
C LEU C 143 12.34 -10.07 -25.10
N LYS C 144 12.52 -10.90 -26.13
CA LYS C 144 13.10 -10.42 -27.37
C LYS C 144 12.17 -9.37 -28.01
N PRO C 145 12.71 -8.50 -28.85
CA PRO C 145 11.89 -7.43 -29.43
C PRO C 145 10.64 -7.97 -30.11
N PHE C 146 9.52 -7.32 -29.83
CA PHE C 146 8.22 -7.66 -30.43
C PHE C 146 7.77 -9.06 -30.08
N GLU C 147 8.32 -9.63 -29.01
CA GLU C 147 7.88 -10.92 -28.52
C GLU C 147 6.73 -10.74 -27.55
N ARG C 148 5.80 -11.69 -27.56
CA ARG C 148 4.64 -11.67 -26.68
C ARG C 148 4.64 -12.93 -25.83
N ASP C 149 4.53 -12.76 -24.52
CA ASP C 149 4.41 -13.86 -23.58
C ASP C 149 2.97 -13.91 -23.07
N ILE C 150 2.34 -15.06 -23.24
CA ILE C 150 0.95 -15.28 -22.84
C ILE C 150 0.84 -16.38 -21.81
N SER C 151 1.96 -16.80 -21.23
CA SER C 151 1.96 -17.90 -20.29
C SER C 151 1.42 -17.45 -18.94
N THR C 152 0.75 -18.38 -18.27
CA THR C 152 0.25 -18.19 -16.92
C THR C 152 0.84 -19.26 -16.01
N GLU C 153 2.05 -19.72 -16.33
CA GLU C 153 2.74 -20.72 -15.54
C GLU C 153 3.28 -20.09 -14.27
N ILE C 154 3.17 -20.84 -13.16
CA ILE C 154 3.63 -20.32 -11.88
C ILE C 154 5.14 -20.09 -11.95
N TYR C 155 5.58 -19.00 -11.33
CA TYR C 155 6.99 -18.64 -11.31
C TYR C 155 7.65 -19.23 -10.08
N GLN C 156 8.77 -19.94 -10.28
CA GLN C 156 9.52 -20.53 -9.17
C GLN C 156 10.61 -19.55 -8.77
N ALA C 157 10.39 -18.85 -7.66
CA ALA C 157 11.31 -17.81 -7.20
C ALA C 157 12.21 -18.25 -6.06
N GLY C 158 12.26 -19.55 -5.74
CA GLY C 158 13.08 -20.02 -4.65
C GLY C 158 13.55 -21.43 -4.85
N SER C 159 14.29 -21.93 -3.84
CA SER C 159 14.83 -23.28 -3.92
C SER C 159 13.71 -24.32 -3.84
N THR C 160 12.66 -24.03 -3.10
CA THR C 160 11.56 -24.99 -2.95
C THR C 160 10.83 -25.13 -4.28
N PRO C 161 10.71 -26.33 -4.84
CA PRO C 161 9.90 -26.49 -6.05
C PRO C 161 8.42 -26.34 -5.73
N CYS C 162 7.65 -26.02 -6.77
CA CYS C 162 6.20 -25.90 -6.65
C CYS C 162 5.57 -26.56 -7.87
N ASN C 163 4.45 -27.21 -7.63
CA ASN C 163 3.78 -28.05 -8.63
C ASN C 163 2.45 -27.39 -8.99
N GLY C 164 2.52 -26.34 -9.79
CA GLY C 164 1.34 -25.69 -10.29
C GLY C 164 0.46 -25.04 -9.24
N VAL C 165 0.98 -24.87 -8.02
CA VAL C 165 0.23 -24.24 -6.94
C VAL C 165 0.98 -22.97 -6.53
N GLU C 166 0.26 -21.85 -6.53
CA GLU C 166 0.84 -20.60 -6.08
C GLU C 166 0.96 -20.61 -4.57
N GLY C 167 2.04 -20.04 -4.06
CA GLY C 167 2.23 -20.01 -2.63
C GLY C 167 3.56 -19.39 -2.24
N PHE C 168 4.01 -19.77 -1.05
CA PHE C 168 5.27 -19.29 -0.51
C PHE C 168 6.41 -19.50 -1.50
N ASN C 169 7.02 -18.39 -1.93
CA ASN C 169 8.14 -18.37 -2.86
C ASN C 169 7.77 -18.88 -4.25
N CYS C 170 6.48 -19.04 -4.55
CA CYS C 170 6.02 -19.41 -5.88
C CYS C 170 4.80 -18.56 -6.21
N TYR C 171 4.95 -17.66 -7.19
CA TYR C 171 3.96 -16.62 -7.46
C TYR C 171 3.38 -16.75 -8.86
N PHE C 172 2.14 -16.30 -9.00
CA PHE C 172 1.50 -16.19 -10.30
C PHE C 172 2.17 -15.09 -11.12
N PRO C 173 2.42 -15.30 -12.42
CA PRO C 173 3.29 -14.36 -13.16
C PRO C 173 2.62 -13.03 -13.48
N LEU C 174 1.32 -12.89 -13.32
CA LEU C 174 0.61 -11.68 -13.70
C LEU C 174 0.03 -10.98 -12.48
N GLN C 175 -0.11 -9.65 -12.59
CA GLN C 175 -0.74 -8.84 -11.56
C GLN C 175 -1.61 -7.80 -12.22
N SER C 176 -2.61 -7.34 -11.48
CA SER C 176 -3.63 -6.46 -12.01
C SER C 176 -3.36 -5.01 -11.67
N TYR C 177 -3.57 -4.13 -12.65
CA TYR C 177 -3.58 -2.69 -12.41
C TYR C 177 -4.84 -2.34 -11.65
N GLY C 178 -4.75 -1.90 -10.40
CA GLY C 178 -5.94 -1.43 -9.68
C GLY C 178 -6.31 -0.06 -10.21
N PHE C 179 -6.74 0.05 -11.46
CA PHE C 179 -7.01 1.34 -12.12
C PHE C 179 -8.26 1.96 -11.51
N GLN C 180 -8.12 2.65 -10.40
CA GLN C 180 -9.25 3.38 -9.76
C GLN C 180 -9.33 4.74 -10.45
N PRO C 181 -10.41 5.50 -10.26
CA PRO C 181 -10.59 6.76 -10.97
C PRO C 181 -10.05 7.98 -10.23
N THR C 182 -9.69 7.83 -8.95
CA THR C 182 -9.18 8.94 -8.10
C THR C 182 -7.67 8.77 -7.93
N ASN C 183 -7.04 7.92 -8.72
CA ASN C 183 -5.59 7.63 -8.61
C ASN C 183 -4.80 8.81 -9.17
N GLY C 184 -3.46 8.77 -9.14
CA GLY C 184 -2.65 9.80 -9.74
C GLY C 184 -2.41 9.53 -11.21
N VAL C 185 -2.18 10.62 -11.95
CA VAL C 185 -2.02 10.52 -13.40
C VAL C 185 -0.96 9.50 -13.77
N GLY C 186 0.06 9.32 -12.92
CA GLY C 186 1.05 8.30 -13.19
C GLY C 186 0.52 6.89 -13.01
N TYR C 187 -0.44 6.71 -12.11
CA TYR C 187 -1.05 5.41 -11.85
C TYR C 187 -2.39 5.24 -12.56
N GLN C 188 -2.72 6.13 -13.51
CA GLN C 188 -3.95 6.04 -14.28
C GLN C 188 -3.72 5.27 -15.57
N PRO C 189 -4.78 4.76 -16.18
CA PRO C 189 -4.61 3.98 -17.42
C PRO C 189 -4.27 4.86 -18.60
N TYR C 190 -3.46 4.30 -19.50
CA TYR C 190 -2.98 4.99 -20.69
C TYR C 190 -2.99 3.99 -21.83
N ARG C 191 -3.73 4.31 -22.88
CA ARG C 191 -3.78 3.48 -24.08
C ARG C 191 -2.61 3.86 -24.98
N VAL C 192 -1.87 2.85 -25.44
CA VAL C 192 -0.66 3.04 -26.21
C VAL C 192 -0.78 2.30 -27.54
N VAL C 193 -0.33 2.97 -28.61
CA VAL C 193 -0.34 2.44 -29.96
C VAL C 193 1.05 2.67 -30.55
N VAL C 194 1.69 1.59 -30.98
CA VAL C 194 3.03 1.64 -31.56
C VAL C 194 2.90 1.27 -33.04
N LEU C 195 3.37 2.15 -33.91
CA LEU C 195 3.34 1.95 -35.35
C LEU C 195 4.75 1.59 -35.81
N SER C 196 4.94 0.33 -36.19
CA SER C 196 6.20 -0.19 -36.71
C SER C 196 6.17 -0.20 -38.23
N PHE C 197 7.32 0.12 -38.83
CA PHE C 197 7.44 0.19 -40.28
C PHE C 197 8.42 -0.84 -40.81
N ALA C 204 6.39 -2.47 -50.94
CA ALA C 204 5.86 -1.13 -50.80
C ALA C 204 4.36 -1.11 -51.13
N THR C 205 3.53 -1.17 -50.08
CA THR C 205 2.08 -1.16 -50.26
C THR C 205 1.38 -0.22 -49.28
N VAL C 206 2.12 0.67 -48.61
CA VAL C 206 1.52 1.62 -47.67
C VAL C 206 2.18 2.98 -47.85
N CYS C 207 1.53 3.87 -48.58
CA CYS C 207 2.06 5.21 -48.83
C CYS C 207 1.71 6.16 -47.70
N VAL D 2 -17.48 -18.03 -2.48
CA VAL D 2 -17.05 -18.65 -3.73
C VAL D 2 -17.17 -20.16 -3.62
N GLN D 3 -17.53 -20.81 -4.71
CA GLN D 3 -17.60 -22.27 -4.74
C GLN D 3 -17.45 -22.74 -6.18
N LEU D 4 -16.41 -23.52 -6.45
CA LEU D 4 -16.19 -24.12 -7.76
C LEU D 4 -16.71 -25.56 -7.74
N VAL D 5 -17.71 -25.85 -8.58
CA VAL D 5 -18.29 -27.18 -8.68
C VAL D 5 -17.85 -27.78 -10.00
N GLU D 6 -17.13 -28.90 -9.93
CA GLU D 6 -16.60 -29.56 -11.11
C GLU D 6 -17.49 -30.73 -11.50
N SER D 7 -17.79 -30.83 -12.80
CA SER D 7 -18.64 -31.90 -13.34
C SER D 7 -18.03 -32.40 -14.64
N GLY D 8 -18.56 -33.52 -15.12
CA GLY D 8 -18.00 -34.21 -16.25
C GLY D 8 -16.86 -35.10 -15.82
N GLY D 9 -16.18 -35.67 -16.82
CA GLY D 9 -15.04 -36.51 -16.53
C GLY D 9 -15.43 -37.90 -16.08
N GLY D 10 -14.49 -38.83 -16.19
CA GLY D 10 -14.73 -40.20 -15.80
C GLY D 10 -13.78 -41.17 -16.51
N LEU D 11 -14.32 -42.26 -17.05
CA LEU D 11 -13.51 -43.26 -17.75
C LEU D 11 -13.76 -43.18 -19.24
N VAL D 12 -12.69 -43.22 -20.03
CA VAL D 12 -12.78 -43.15 -21.48
C VAL D 12 -11.81 -44.16 -22.08
N GLN D 13 -11.93 -44.36 -23.39
CA GLN D 13 -11.09 -45.28 -24.11
C GLN D 13 -9.99 -44.53 -24.85
N PRO D 14 -8.79 -45.11 -24.97
CA PRO D 14 -7.71 -44.42 -25.71
C PRO D 14 -8.16 -44.00 -27.10
N GLY D 15 -7.76 -42.79 -27.50
CA GLY D 15 -8.18 -42.20 -28.74
C GLY D 15 -9.52 -41.51 -28.73
N GLY D 16 -10.30 -41.65 -27.66
CA GLY D 16 -11.60 -41.01 -27.57
C GLY D 16 -11.49 -39.55 -27.18
N SER D 17 -12.62 -39.00 -26.73
CA SER D 17 -12.70 -37.61 -26.34
C SER D 17 -13.59 -37.47 -25.10
N LEU D 18 -13.54 -36.31 -24.47
CA LEU D 18 -14.28 -36.09 -23.24
C LEU D 18 -14.25 -34.61 -22.88
N ARG D 19 -15.37 -34.09 -22.38
CA ARG D 19 -15.49 -32.68 -22.02
C ARG D 19 -15.77 -32.58 -20.52
N LEU D 20 -14.94 -31.82 -19.81
CA LEU D 20 -15.16 -31.48 -18.41
C LEU D 20 -15.68 -30.05 -18.32
N SER D 21 -16.53 -29.78 -17.33
CA SER D 21 -17.05 -28.44 -17.10
C SER D 21 -16.97 -28.11 -15.63
N CYS D 22 -16.86 -26.82 -15.31
CA CYS D 22 -16.95 -26.39 -13.92
C CYS D 22 -17.67 -25.06 -13.85
N ALA D 23 -18.52 -24.94 -12.84
CA ALA D 23 -19.40 -23.79 -12.64
C ALA D 23 -19.11 -23.16 -11.29
N ALA D 24 -18.89 -21.85 -11.28
CA ALA D 24 -18.64 -21.10 -10.06
C ALA D 24 -19.93 -20.44 -9.59
N SER D 25 -20.12 -20.35 -8.28
CA SER D 25 -21.31 -19.69 -7.68
C SER D 25 -20.88 -19.03 -6.38
N GLY D 26 -21.18 -17.74 -6.21
CA GLY D 26 -20.77 -16.99 -5.02
C GLY D 26 -20.16 -15.66 -5.42
N ARG D 27 -19.40 -15.01 -4.51
CA ARG D 27 -18.77 -13.69 -4.76
C ARG D 27 -18.26 -13.61 -6.20
N THR D 28 -18.62 -12.54 -6.93
CA THR D 28 -18.15 -12.33 -8.33
C THR D 28 -16.68 -11.96 -8.26
N PHE D 29 -15.88 -12.33 -9.26
CA PHE D 29 -14.43 -12.12 -9.19
C PHE D 29 -14.05 -10.75 -9.73
N ARG D 30 -13.09 -10.11 -9.06
CA ARG D 30 -12.54 -8.84 -9.54
C ARG D 30 -11.87 -9.00 -10.91
N VAL D 31 -11.53 -10.24 -11.28
CA VAL D 31 -10.90 -10.53 -12.57
C VAL D 31 -11.61 -11.72 -13.18
N ASN D 32 -11.50 -11.84 -14.50
CA ASN D 32 -12.08 -12.92 -15.28
C ASN D 32 -10.92 -13.80 -15.73
N LEU D 33 -10.62 -14.84 -14.94
CA LEU D 33 -9.53 -15.74 -15.26
C LEU D 33 -9.83 -17.13 -14.71
N MET D 34 -9.81 -18.12 -15.59
CA MET D 34 -10.07 -19.50 -15.23
C MET D 34 -8.99 -20.38 -15.87
N GLY D 35 -8.91 -21.61 -15.39
CA GLY D 35 -7.94 -22.54 -15.92
C GLY D 35 -8.23 -23.95 -15.45
N TRP D 36 -7.66 -24.91 -16.18
CA TRP D 36 -7.74 -26.32 -15.83
C TRP D 36 -6.35 -26.84 -15.48
N PHE D 37 -6.29 -27.68 -14.46
CA PHE D 37 -5.05 -28.27 -13.98
C PHE D 37 -5.17 -29.78 -13.99
N ARG D 38 -4.03 -30.46 -14.07
CA ARG D 38 -3.98 -31.91 -14.17
C ARG D 38 -2.94 -32.43 -13.20
N GLN D 39 -3.38 -33.21 -12.22
CA GLN D 39 -2.51 -33.85 -11.24
C GLN D 39 -2.50 -35.36 -11.49
N ALA D 40 -1.33 -35.88 -11.84
CA ALA D 40 -1.16 -37.31 -12.03
C ALA D 40 -0.98 -37.99 -10.67
N PRO D 41 -1.31 -39.29 -10.58
CA PRO D 41 -1.21 -39.96 -9.28
C PRO D 41 0.19 -40.01 -8.68
N GLY D 42 1.23 -39.72 -9.45
CA GLY D 42 2.58 -39.79 -8.93
C GLY D 42 3.45 -38.58 -9.26
N LYS D 43 2.84 -37.55 -9.83
CA LYS D 43 3.54 -36.33 -10.24
C LYS D 43 2.82 -35.12 -9.66
N GLY D 44 3.45 -33.95 -9.84
CA GLY D 44 2.87 -32.71 -9.37
C GLY D 44 1.82 -32.16 -10.33
N ARG D 45 1.04 -31.23 -9.82
CA ARG D 45 -0.05 -30.63 -10.60
C ARG D 45 0.48 -29.88 -11.81
N GLU D 46 -0.13 -30.13 -12.97
CA GLU D 46 0.26 -29.55 -14.24
C GLU D 46 -0.81 -28.59 -14.73
N LEU D 47 -0.39 -27.64 -15.57
CA LEU D 47 -1.29 -26.72 -16.24
C LEU D 47 -1.68 -27.28 -17.60
N VAL D 48 -2.98 -27.35 -17.87
CA VAL D 48 -3.49 -27.90 -19.11
C VAL D 48 -3.96 -26.81 -20.06
N ALA D 49 -4.66 -25.80 -19.54
CA ALA D 49 -5.16 -24.72 -20.36
C ALA D 49 -5.60 -23.58 -19.44
N SER D 50 -5.59 -22.36 -19.99
CA SER D 50 -5.98 -21.18 -19.26
C SER D 50 -6.73 -20.23 -20.18
N ILE D 51 -7.82 -19.65 -19.66
CA ILE D 51 -8.66 -18.71 -20.40
C ILE D 51 -8.88 -17.50 -19.52
N ASN D 52 -8.77 -16.30 -20.10
CA ASN D 52 -9.11 -15.07 -19.40
C ASN D 52 -10.50 -14.55 -19.75
N GLY D 53 -10.80 -14.43 -21.04
CA GLY D 53 -12.07 -13.91 -21.50
C GLY D 53 -12.12 -12.41 -21.66
N PHE D 54 -11.37 -11.67 -20.86
CA PHE D 54 -11.27 -10.23 -21.08
C PHE D 54 -10.60 -9.92 -22.40
N ASP D 55 -9.58 -10.71 -22.76
CA ASP D 55 -8.90 -10.61 -24.04
C ASP D 55 -9.24 -11.76 -24.96
N ASP D 56 -10.08 -12.71 -24.53
CA ASP D 56 -10.48 -13.85 -25.34
C ASP D 56 -9.25 -14.61 -25.85
N ILE D 57 -8.25 -14.76 -24.99
CA ILE D 57 -6.99 -15.38 -25.34
C ILE D 57 -6.76 -16.59 -24.45
N THR D 58 -6.38 -17.71 -25.05
CA THR D 58 -6.14 -18.96 -24.36
C THR D 58 -4.67 -19.33 -24.46
N TYR D 59 -4.20 -20.13 -23.50
CA TYR D 59 -2.82 -20.58 -23.46
C TYR D 59 -2.77 -22.08 -23.17
N TYR D 60 -2.10 -22.83 -24.04
CA TYR D 60 -1.89 -24.25 -23.88
C TYR D 60 -0.40 -24.56 -23.88
N PRO D 61 0.12 -25.24 -22.85
CA PRO D 61 1.52 -25.68 -22.91
C PRO D 61 1.73 -26.72 -24.00
N ASP D 62 3.00 -26.86 -24.42
CA ASP D 62 3.32 -27.73 -25.54
C ASP D 62 2.91 -29.18 -25.30
N SER D 63 2.61 -29.57 -24.06
CA SER D 63 2.24 -30.95 -23.79
C SER D 63 0.87 -31.28 -24.38
N VAL D 64 -0.09 -30.36 -24.24
CA VAL D 64 -1.45 -30.54 -24.72
C VAL D 64 -1.86 -29.26 -25.45
N GLU D 65 -1.21 -28.99 -26.58
CA GLU D 65 -1.43 -27.75 -27.32
C GLU D 65 -2.48 -27.90 -28.41
N GLY D 66 -2.33 -28.90 -29.26
CA GLY D 66 -3.23 -29.13 -30.38
C GLY D 66 -4.34 -30.11 -30.11
N ARG D 67 -4.35 -30.74 -28.94
CA ARG D 67 -5.33 -31.76 -28.61
C ARG D 67 -6.43 -31.26 -27.68
N PHE D 68 -6.11 -30.41 -26.72
CA PHE D 68 -7.09 -29.93 -25.76
C PHE D 68 -7.52 -28.51 -26.11
N THR D 69 -8.73 -28.15 -25.69
CA THR D 69 -9.26 -26.81 -25.96
C THR D 69 -10.11 -26.35 -24.78
N ILE D 70 -9.98 -25.08 -24.41
CA ILE D 70 -10.69 -24.50 -23.29
C ILE D 70 -11.61 -23.40 -23.80
N SER D 71 -12.85 -23.39 -23.28
CA SER D 71 -13.85 -22.41 -23.66
C SER D 71 -14.57 -21.95 -22.41
N ARG D 72 -15.39 -20.91 -22.56
CA ARG D 72 -16.08 -20.33 -21.42
C ARG D 72 -17.46 -19.86 -21.85
N ASP D 73 -18.40 -19.90 -20.90
CA ASP D 73 -19.74 -19.35 -21.07
C ASP D 73 -19.93 -18.33 -19.94
N ASN D 74 -19.72 -17.05 -20.26
CA ASN D 74 -19.74 -16.01 -19.25
C ASN D 74 -21.11 -15.90 -18.60
N ALA D 75 -22.18 -15.94 -19.40
CA ALA D 75 -23.52 -15.80 -18.85
C ALA D 75 -23.82 -16.90 -17.83
N LYS D 76 -23.42 -18.13 -18.13
CA LYS D 76 -23.66 -19.26 -17.25
C LYS D 76 -22.57 -19.44 -16.21
N ARG D 77 -21.54 -18.58 -16.21
CA ARG D 77 -20.40 -18.73 -15.30
C ARG D 77 -19.77 -20.11 -15.45
N MET D 78 -19.81 -20.67 -16.66
CA MET D 78 -19.29 -22.01 -16.91
C MET D 78 -17.93 -21.91 -17.60
N VAL D 79 -17.10 -22.92 -17.39
CA VAL D 79 -15.86 -23.05 -18.16
C VAL D 79 -15.68 -24.52 -18.51
N TYR D 80 -15.37 -24.78 -19.78
CA TYR D 80 -15.32 -26.13 -20.34
C TYR D 80 -13.93 -26.43 -20.88
N LEU D 81 -13.58 -27.71 -20.86
CA LEU D 81 -12.32 -28.20 -21.41
C LEU D 81 -12.63 -29.48 -22.18
N GLN D 82 -12.49 -29.43 -23.50
CA GLN D 82 -12.69 -30.60 -24.35
C GLN D 82 -11.35 -31.19 -24.71
N MET D 83 -11.22 -32.51 -24.53
CA MET D 83 -10.00 -33.26 -24.77
C MET D 83 -10.27 -34.29 -25.86
N ASN D 84 -9.43 -34.29 -26.89
CA ASN D 84 -9.60 -35.15 -28.04
C ASN D 84 -8.33 -35.95 -28.28
N SER D 85 -8.48 -37.11 -28.92
CA SER D 85 -7.37 -38.03 -29.15
C SER D 85 -6.66 -38.35 -27.84
N LEU D 86 -7.46 -38.66 -26.82
CA LEU D 86 -6.94 -38.89 -25.49
C LEU D 86 -5.92 -40.03 -25.48
N ARG D 87 -4.80 -39.80 -24.81
CA ARG D 87 -3.75 -40.79 -24.64
C ARG D 87 -3.73 -41.29 -23.20
N ALA D 88 -3.03 -42.41 -22.98
CA ALA D 88 -2.89 -42.94 -21.63
C ALA D 88 -2.17 -41.96 -20.71
N GLU D 89 -1.34 -41.07 -21.27
CA GLU D 89 -0.64 -40.09 -20.46
C GLU D 89 -1.57 -39.14 -19.76
N ASP D 90 -2.79 -38.94 -20.30
CA ASP D 90 -3.70 -37.92 -19.79
C ASP D 90 -4.46 -38.38 -18.54
N THR D 91 -4.33 -39.64 -18.14
CA THR D 91 -5.02 -40.12 -16.95
C THR D 91 -4.57 -39.33 -15.72
N ALA D 92 -5.51 -38.65 -15.09
CA ALA D 92 -5.21 -37.80 -13.94
C ALA D 92 -6.48 -37.18 -13.35
N VAL D 93 -6.33 -36.44 -12.26
CA VAL D 93 -7.44 -35.67 -11.70
C VAL D 93 -7.34 -34.24 -12.21
N TYR D 94 -8.43 -33.74 -12.77
CA TYR D 94 -8.48 -32.41 -13.35
C TYR D 94 -9.21 -31.46 -12.40
N TYR D 95 -8.54 -30.35 -12.09
CA TYR D 95 -9.03 -29.34 -11.16
C TYR D 95 -9.31 -28.03 -11.88
N CYS D 96 -10.28 -27.28 -11.37
CA CYS D 96 -10.60 -25.96 -11.89
C CYS D 96 -9.99 -24.88 -11.02
N ALA D 97 -9.58 -23.79 -11.66
CA ALA D 97 -8.93 -22.68 -10.99
C ALA D 97 -9.62 -21.39 -11.44
N ALA D 98 -10.15 -20.65 -10.47
CA ALA D 98 -10.79 -19.35 -10.72
C ALA D 98 -9.97 -18.30 -9.98
N TYR D 99 -9.36 -17.39 -10.74
CA TYR D 99 -8.45 -16.39 -10.17
C TYR D 99 -9.21 -15.14 -9.76
N ASP D 100 -8.76 -14.54 -8.66
CA ASP D 100 -9.28 -13.28 -8.15
C ASP D 100 -8.11 -12.36 -7.82
N SER D 101 -8.42 -11.13 -7.41
CA SER D 101 -7.41 -10.14 -7.08
C SER D 101 -7.69 -9.55 -5.71
N ASP D 102 -6.62 -9.19 -5.01
CA ASP D 102 -6.73 -8.42 -3.78
C ASP D 102 -6.73 -6.93 -4.12
N TYR D 103 -7.06 -6.11 -3.12
CA TYR D 103 -7.06 -4.66 -3.34
C TYR D 103 -5.70 -4.19 -3.88
N ASP D 104 -4.61 -4.76 -3.38
CA ASP D 104 -3.28 -4.39 -3.85
C ASP D 104 -3.01 -4.83 -5.28
N GLY D 105 -3.76 -5.82 -5.79
CA GLY D 105 -3.54 -6.33 -7.12
C GLY D 105 -2.99 -7.74 -7.17
N ARG D 106 -2.60 -8.30 -6.02
CA ARG D 106 -2.12 -9.67 -6.00
C ARG D 106 -3.26 -10.62 -6.39
N LEU D 107 -2.94 -11.57 -7.27
CA LEU D 107 -3.94 -12.47 -7.83
C LEU D 107 -4.05 -13.71 -6.95
N PHE D 108 -5.29 -14.11 -6.65
CA PHE D 108 -5.55 -15.31 -5.87
C PHE D 108 -5.97 -16.44 -6.79
N ASN D 109 -6.29 -17.58 -6.17
CA ASN D 109 -6.63 -18.79 -6.92
C ASN D 109 -7.62 -19.59 -6.09
N TYR D 110 -8.78 -19.89 -6.67
CA TYR D 110 -9.74 -20.79 -6.07
C TYR D 110 -9.64 -22.15 -6.73
N TRP D 111 -9.80 -23.20 -5.93
CA TRP D 111 -9.62 -24.57 -6.41
C TRP D 111 -10.95 -25.32 -6.39
N GLY D 112 -11.10 -26.24 -7.34
CA GLY D 112 -12.24 -27.12 -7.36
C GLY D 112 -11.98 -28.44 -6.66
N GLN D 113 -13.05 -29.23 -6.52
CA GLN D 113 -12.95 -30.51 -5.84
C GLN D 113 -12.01 -31.46 -6.58
N GLY D 114 -11.99 -31.38 -7.90
CA GLY D 114 -11.22 -32.27 -8.74
C GLY D 114 -12.09 -33.39 -9.27
N THR D 115 -11.87 -33.78 -10.53
CA THR D 115 -12.61 -34.87 -11.14
C THR D 115 -11.65 -35.84 -11.81
N GLN D 116 -11.92 -37.13 -11.68
CA GLN D 116 -11.00 -38.13 -12.20
C GLN D 116 -11.26 -38.37 -13.67
N VAL D 117 -10.19 -38.51 -14.45
CA VAL D 117 -10.26 -38.88 -15.85
C VAL D 117 -9.25 -39.99 -16.07
N THR D 118 -9.73 -41.13 -16.55
CA THR D 118 -8.89 -42.31 -16.78
C THR D 118 -9.01 -42.71 -18.23
N VAL D 119 -7.89 -43.14 -18.81
CA VAL D 119 -7.80 -43.54 -20.20
C VAL D 119 -7.27 -44.98 -20.20
N SER D 120 -8.19 -45.95 -20.25
CA SER D 120 -7.83 -47.35 -20.18
C SER D 120 -8.43 -48.12 -21.35
N SER D 121 -7.74 -49.17 -21.78
CA SER D 121 -8.19 -50.00 -22.89
C SER D 121 -9.31 -50.94 -22.47
N LEU E 17 62.57 1.88 18.00
CA LEU E 17 61.68 0.80 18.42
C LEU E 17 60.53 0.59 17.45
N CYS E 18 60.06 -0.64 17.35
CA CYS E 18 58.98 -0.94 16.42
C CYS E 18 57.70 -0.24 16.89
N PRO E 19 56.87 0.25 15.96
CA PRO E 19 55.69 1.04 16.36
C PRO E 19 54.51 0.17 16.79
N PHE E 20 54.74 -0.67 17.80
CA PHE E 20 53.68 -1.54 18.29
C PHE E 20 52.71 -0.80 19.19
N GLY E 21 53.19 0.18 19.97
CA GLY E 21 52.29 0.98 20.77
C GLY E 21 51.33 1.82 19.96
N GLU E 22 51.78 2.31 18.80
CA GLU E 22 50.91 3.11 17.95
C GLU E 22 49.70 2.31 17.48
N VAL E 23 49.81 0.99 17.38
CA VAL E 23 48.71 0.16 16.92
C VAL E 23 47.78 -0.21 18.07
N PHE E 24 48.33 -0.78 19.14
CA PHE E 24 47.50 -1.27 20.23
C PHE E 24 46.92 -0.13 21.05
N ASN E 25 47.79 0.76 21.55
CA ASN E 25 47.35 1.88 22.37
C ASN E 25 46.90 3.07 21.53
N ALA E 26 46.49 2.85 20.28
CA ALA E 26 45.99 3.94 19.45
C ALA E 26 44.74 4.55 20.07
N THR E 27 44.57 5.86 19.84
CA THR E 27 43.41 6.55 20.39
C THR E 27 42.12 6.06 19.75
N ARG E 28 42.15 5.83 18.45
CA ARG E 28 40.96 5.39 17.71
C ARG E 28 41.34 4.28 16.75
N PHE E 29 40.48 3.26 16.67
CA PHE E 29 40.69 2.14 15.77
C PHE E 29 39.79 2.28 14.54
N ALA E 30 40.19 1.59 13.48
CA ALA E 30 39.46 1.67 12.21
C ALA E 30 38.32 0.67 12.18
N SER E 31 37.33 0.96 11.34
CA SER E 31 36.22 0.05 11.14
C SER E 31 36.69 -1.24 10.47
N VAL E 32 35.97 -2.34 10.73
CA VAL E 32 36.40 -3.63 10.24
C VAL E 32 36.33 -3.71 8.73
N TYR E 33 35.31 -3.11 8.11
CA TYR E 33 35.20 -3.16 6.67
C TYR E 33 36.35 -2.42 6.00
N ALA E 34 36.83 -1.35 6.64
CA ALA E 34 38.00 -0.61 6.16
C ALA E 34 39.17 -0.83 7.11
N TRP E 35 39.38 -2.08 7.51
CA TRP E 35 40.43 -2.40 8.48
C TRP E 35 41.74 -1.72 8.10
N ASN E 36 42.46 -1.23 9.11
CA ASN E 36 43.69 -0.48 8.88
C ASN E 36 44.88 -1.43 8.93
N ARG E 37 45.93 -1.10 8.17
CA ARG E 37 47.14 -1.90 8.11
C ARG E 37 48.37 -1.02 8.26
N LYS E 38 49.35 -1.49 9.02
CA LYS E 38 50.60 -0.78 9.26
C LYS E 38 51.77 -1.71 8.98
N ARG E 39 52.64 -1.31 8.06
CA ARG E 39 53.85 -2.07 7.77
C ARG E 39 54.89 -1.85 8.84
N ILE E 40 55.55 -2.92 9.26
CA ILE E 40 56.54 -2.87 10.35
C ILE E 40 57.86 -3.36 9.77
N SER E 41 58.68 -2.43 9.26
CA SER E 41 60.02 -2.75 8.81
C SER E 41 61.03 -1.80 9.45
N ASN E 42 62.27 -2.26 9.52
CA ASN E 42 63.42 -1.47 9.98
C ASN E 42 63.16 -0.88 11.37
N CYS E 43 63.09 -1.78 12.35
CA CYS E 43 62.92 -1.37 13.73
C CYS E 43 63.44 -2.50 14.63
N VAL E 44 63.34 -2.29 15.94
CA VAL E 44 63.70 -3.29 16.93
C VAL E 44 62.49 -3.55 17.79
N ALA E 45 61.94 -4.76 17.69
CA ALA E 45 60.70 -5.12 18.39
C ALA E 45 61.00 -5.74 19.75
N ASP E 46 60.13 -5.45 20.71
CA ASP E 46 60.17 -6.09 22.02
C ASP E 46 58.84 -6.82 22.20
N TYR E 47 58.85 -8.12 21.94
CA TYR E 47 57.63 -8.93 21.98
C TYR E 47 57.25 -9.34 23.40
N SER E 48 58.22 -9.41 24.33
CA SER E 48 57.89 -9.72 25.71
C SER E 48 57.02 -8.63 26.32
N VAL E 49 57.33 -7.37 26.03
CA VAL E 49 56.53 -6.25 26.53
C VAL E 49 55.13 -6.26 25.95
N LEU E 50 54.91 -7.01 24.86
CA LEU E 50 53.59 -7.03 24.23
C LEU E 50 52.59 -7.81 25.07
N TYR E 51 52.92 -9.06 25.43
CA TYR E 51 51.97 -9.92 26.09
C TYR E 51 51.62 -9.42 27.48
N ASN E 52 52.64 -9.19 28.31
CA ASN E 52 52.43 -8.93 29.73
C ASN E 52 52.19 -7.45 30.05
N SER E 53 52.03 -6.60 29.04
CA SER E 53 51.68 -5.20 29.30
C SER E 53 50.18 -5.01 29.52
N ALA E 54 49.36 -5.98 29.11
CA ALA E 54 47.92 -5.91 29.30
C ALA E 54 47.38 -7.33 29.27
N SER E 55 46.12 -7.48 29.67
CA SER E 55 45.41 -8.75 29.58
C SER E 55 44.47 -8.70 28.38
N PHE E 56 44.71 -9.58 27.42
CA PHE E 56 43.86 -9.71 26.24
C PHE E 56 42.90 -10.87 26.44
N SER E 57 41.70 -10.73 25.89
CA SER E 57 40.70 -11.79 25.94
C SER E 57 40.84 -12.77 24.78
N THR E 58 41.76 -12.52 23.85
CA THR E 58 42.02 -13.46 22.78
C THR E 58 43.47 -13.30 22.33
N PHE E 59 44.23 -14.40 22.32
CA PHE E 59 45.61 -14.38 21.85
C PHE E 59 45.90 -15.76 21.26
N LYS E 60 45.85 -15.87 19.93
CA LYS E 60 46.07 -17.14 19.25
C LYS E 60 47.14 -16.93 18.19
N CYS E 61 48.14 -17.81 18.17
CA CYS E 61 49.26 -17.68 17.25
C CYS E 61 49.28 -18.92 16.35
N TYR E 62 49.40 -18.69 15.05
CA TYR E 62 49.37 -19.73 14.04
C TYR E 62 50.73 -19.79 13.38
N GLY E 63 51.40 -20.93 13.49
CA GLY E 63 52.72 -21.12 12.91
C GLY E 63 53.85 -20.59 13.76
N VAL E 64 53.57 -19.95 14.89
CA VAL E 64 54.57 -19.35 15.76
C VAL E 64 54.19 -19.62 17.21
N SER E 65 55.18 -19.52 18.09
CA SER E 65 54.98 -19.78 19.51
C SER E 65 55.18 -18.51 20.34
N THR E 75 60.30 -11.44 7.73
CA THR E 75 60.92 -10.18 7.26
C THR E 75 59.84 -9.15 6.97
N ASN E 76 58.73 -9.57 6.36
CA ASN E 76 57.61 -8.67 5.99
C ASN E 76 56.54 -8.78 7.07
N VAL E 77 56.50 -7.84 8.01
CA VAL E 77 55.53 -7.84 9.13
C VAL E 77 54.42 -6.83 8.81
N TYR E 78 53.17 -7.13 9.16
CA TYR E 78 52.04 -6.23 8.98
C TYR E 78 51.12 -6.33 10.20
N ALA E 79 50.77 -5.18 10.76
CA ALA E 79 49.86 -5.08 11.90
C ALA E 79 48.56 -4.49 11.39
N ASP E 80 47.55 -5.34 11.24
CA ASP E 80 46.21 -4.89 10.90
C ASP E 80 45.40 -4.69 12.17
N SER E 81 44.54 -3.67 12.17
CA SER E 81 43.73 -3.36 13.33
C SER E 81 42.32 -3.02 12.88
N PHE E 82 41.35 -3.40 13.73
CA PHE E 82 39.95 -3.06 13.49
C PHE E 82 39.16 -3.35 14.76
N VAL E 83 37.84 -3.15 14.67
CA VAL E 83 36.92 -3.37 15.78
C VAL E 83 35.74 -4.20 15.30
N ILE E 84 35.32 -5.15 16.12
CA ILE E 84 34.16 -5.99 15.80
C ILE E 84 33.45 -6.34 17.11
N ARG E 85 32.35 -7.09 17.04
CA ARG E 85 31.73 -7.52 18.28
C ARG E 85 32.30 -8.88 18.69
N GLY E 86 32.20 -9.17 19.99
CA GLY E 86 32.84 -10.37 20.52
C GLY E 86 32.46 -11.63 19.75
N ASP E 87 31.17 -11.79 19.47
CA ASP E 87 30.71 -12.97 18.75
C ASP E 87 31.49 -13.21 17.46
N GLU E 88 31.96 -12.13 16.82
CA GLU E 88 32.65 -12.24 15.55
C GLU E 88 34.17 -12.37 15.68
N VAL E 89 34.72 -12.20 16.89
CA VAL E 89 36.17 -12.30 17.05
C VAL E 89 36.65 -13.70 16.69
N ARG E 90 35.77 -14.71 16.82
CA ARG E 90 36.11 -16.07 16.48
C ARG E 90 36.27 -16.27 14.97
N GLN E 91 35.96 -15.27 14.16
CA GLN E 91 36.15 -15.37 12.71
C GLN E 91 37.51 -14.86 12.26
N ILE E 92 38.28 -14.24 13.16
CA ILE E 92 39.61 -13.75 12.80
C ILE E 92 40.60 -14.90 12.92
N ALA E 93 40.43 -15.92 12.09
CA ALA E 93 41.32 -17.07 12.07
C ALA E 93 41.18 -17.75 10.71
N PRO E 94 42.14 -18.59 10.33
CA PRO E 94 42.10 -19.21 9.00
C PRO E 94 40.88 -20.09 8.77
N GLY E 95 40.43 -20.11 7.52
CA GLY E 95 39.40 -21.04 7.08
C GLY E 95 38.09 -20.99 7.82
N GLN E 96 37.66 -19.80 8.22
CA GLN E 96 36.36 -19.61 8.85
C GLN E 96 35.47 -18.78 7.92
N THR E 97 34.16 -18.90 8.13
CA THR E 97 33.18 -18.22 7.29
C THR E 97 32.29 -17.33 8.15
N GLY E 98 31.51 -16.48 7.47
CA GLY E 98 30.65 -15.54 8.12
C GLY E 98 30.72 -14.17 7.47
N LYS E 99 30.03 -13.18 8.04
CA LYS E 99 30.05 -11.84 7.47
C LYS E 99 31.46 -11.26 7.47
N ILE E 100 32.16 -11.36 8.62
CA ILE E 100 33.47 -10.73 8.74
C ILE E 100 34.50 -11.47 7.88
N ALA E 101 34.49 -12.80 7.90
CA ALA E 101 35.49 -13.55 7.16
C ALA E 101 35.26 -13.48 5.66
N ASP E 102 34.02 -13.25 5.22
CA ASP E 102 33.67 -13.30 3.81
C ASP E 102 33.60 -11.93 3.15
N TYR E 103 33.21 -10.89 3.89
CA TYR E 103 32.95 -9.58 3.30
C TYR E 103 33.74 -8.45 3.95
N ASN E 104 34.65 -8.75 4.88
CA ASN E 104 35.39 -7.69 5.57
C ASN E 104 36.88 -7.98 5.65
N TYR E 105 37.25 -8.97 6.47
CA TYR E 105 38.66 -9.30 6.70
C TYR E 105 38.79 -10.81 6.65
N LYS E 106 39.53 -11.31 5.65
CA LYS E 106 39.72 -12.74 5.45
C LYS E 106 41.18 -13.09 5.74
N LEU E 107 41.40 -14.11 6.55
CA LEU E 107 42.73 -14.61 6.81
C LEU E 107 43.03 -15.82 5.94
N PRO E 108 44.24 -15.91 5.37
CA PRO E 108 44.53 -17.03 4.47
C PRO E 108 44.59 -18.35 5.24
N ASP E 109 44.48 -19.44 4.48
CA ASP E 109 44.54 -20.76 5.10
C ASP E 109 45.93 -21.07 5.63
N ASP E 110 46.97 -20.51 5.02
CA ASP E 110 48.36 -20.70 5.44
C ASP E 110 48.83 -19.54 6.31
N PHE E 111 47.95 -18.97 7.13
CA PHE E 111 48.31 -17.82 7.95
C PHE E 111 49.46 -18.16 8.88
N THR E 112 50.51 -17.33 8.81
CA THR E 112 51.69 -17.47 9.66
C THR E 112 51.83 -16.18 10.46
N GLY E 113 51.14 -16.11 11.60
CA GLY E 113 51.14 -14.90 12.38
C GLY E 113 50.45 -15.06 13.72
N CYS E 114 49.89 -13.98 14.25
CA CYS E 114 49.18 -14.02 15.52
C CYS E 114 47.96 -13.10 15.44
N VAL E 115 46.98 -13.40 16.29
CA VAL E 115 45.74 -12.64 16.38
C VAL E 115 45.51 -12.32 17.85
N ILE E 116 45.43 -11.03 18.17
CA ILE E 116 45.22 -10.55 19.53
C ILE E 116 43.94 -9.73 19.52
N ALA E 117 43.20 -9.78 20.62
CA ALA E 117 41.96 -9.02 20.70
C ALA E 117 41.58 -8.83 22.15
N TRP E 118 40.94 -7.70 22.42
CA TRP E 118 40.54 -7.36 23.79
C TRP E 118 39.26 -6.53 23.75
N ASN E 119 38.42 -6.74 24.77
CA ASN E 119 37.18 -5.99 24.90
C ASN E 119 37.47 -4.50 25.02
N SER E 120 36.58 -3.69 24.43
CA SER E 120 36.76 -2.25 24.43
C SER E 120 35.45 -1.52 24.72
N ASN E 121 34.57 -2.13 25.51
CA ASN E 121 33.29 -1.51 25.80
C ASN E 121 33.45 -0.19 26.57
N ASN E 122 34.59 0.01 27.24
CA ASN E 122 34.83 1.25 27.97
C ASN E 122 35.36 2.37 27.11
N LEU E 123 35.70 2.09 25.85
CA LEU E 123 36.22 3.09 24.92
C LEU E 123 35.41 3.17 23.65
N ASP E 124 34.93 2.05 23.12
CA ASP E 124 34.26 1.98 21.84
C ASP E 124 32.76 1.78 22.01
N SER E 125 32.22 2.26 23.12
CA SER E 125 30.78 2.23 23.36
C SER E 125 30.39 3.50 24.10
N LYS E 126 29.35 4.17 23.61
CA LYS E 126 28.88 5.43 24.17
C LYS E 126 27.41 5.33 24.53
N VAL E 127 27.02 6.10 25.55
CA VAL E 127 25.61 6.19 25.92
C VAL E 127 24.80 6.62 24.71
N GLY E 128 23.70 5.91 24.47
CA GLY E 128 22.90 6.12 23.27
C GLY E 128 23.39 5.37 22.05
N GLY E 129 24.55 4.73 22.12
CA GLY E 129 25.04 3.91 21.04
C GLY E 129 26.12 4.61 20.23
N ASN E 130 27.26 3.95 20.03
CA ASN E 130 28.34 4.46 19.20
C ASN E 130 28.27 3.75 17.85
N TYR E 131 27.62 4.39 16.88
CA TYR E 131 27.36 3.81 15.58
C TYR E 131 28.47 4.09 14.56
N ASN E 132 29.62 4.60 15.02
CA ASN E 132 30.67 5.00 14.08
C ASN E 132 31.35 3.79 13.42
N TYR E 133 31.36 2.64 14.08
CA TYR E 133 32.00 1.45 13.54
C TYR E 133 31.02 0.70 12.63
N LEU E 134 31.43 0.47 11.39
CA LEU E 134 30.59 -0.14 10.37
C LEU E 134 31.19 -1.46 9.90
N TYR E 135 30.37 -2.26 9.24
CA TYR E 135 30.79 -3.52 8.66
C TYR E 135 29.93 -3.81 7.43
N ARG E 136 30.48 -4.60 6.52
CA ARG E 136 29.82 -4.92 5.27
C ARG E 136 28.90 -6.12 5.42
N LEU E 137 27.70 -6.03 4.84
CA LEU E 137 26.71 -7.10 4.87
C LEU E 137 26.75 -7.99 3.65
N PHE E 138 26.84 -7.41 2.45
CA PHE E 138 26.68 -8.15 1.21
C PHE E 138 27.81 -7.84 0.25
N ARG E 139 28.20 -8.85 -0.52
CA ARG E 139 29.07 -8.68 -1.67
C ARG E 139 28.61 -9.62 -2.78
N LYS E 140 29.06 -9.32 -4.00
CA LYS E 140 28.85 -10.24 -5.11
C LYS E 140 29.72 -11.48 -4.98
N SER E 141 30.79 -11.42 -4.19
CA SER E 141 31.69 -12.54 -4.01
C SER E 141 32.37 -12.42 -2.65
N ASN E 142 33.11 -13.45 -2.29
CA ASN E 142 33.83 -13.47 -1.02
C ASN E 142 35.14 -12.70 -1.13
N LEU E 143 35.72 -12.37 0.02
CA LEU E 143 36.97 -11.62 0.06
C LEU E 143 38.14 -12.58 0.09
N LYS E 144 39.08 -12.38 -0.83
CA LYS E 144 40.34 -13.10 -0.77
C LYS E 144 41.12 -12.68 0.47
N PRO E 145 42.02 -13.52 0.96
CA PRO E 145 42.76 -13.18 2.18
C PRO E 145 43.44 -11.83 2.08
N PHE E 146 43.32 -11.04 3.14
CA PHE E 146 43.94 -9.72 3.25
C PHE E 146 43.42 -8.74 2.21
N GLU E 147 42.23 -8.99 1.67
CA GLU E 147 41.58 -8.06 0.76
C GLU E 147 40.71 -7.08 1.56
N ARG E 148 40.64 -5.85 1.08
CA ARG E 148 39.85 -4.80 1.70
C ARG E 148 38.81 -4.31 0.70
N ASP E 149 37.56 -4.26 1.12
CA ASP E 149 36.48 -3.72 0.31
C ASP E 149 36.10 -2.36 0.89
N ILE E 150 36.17 -1.33 0.05
CA ILE E 150 35.95 0.04 0.46
C ILE E 150 34.81 0.70 -0.30
N SER E 151 34.05 -0.09 -1.06
CA SER E 151 32.97 0.45 -1.87
C SER E 151 31.72 0.71 -1.03
N THR E 152 30.96 1.72 -1.42
CA THR E 152 29.67 2.03 -0.81
C THR E 152 28.55 2.06 -1.84
N GLU E 153 28.71 1.32 -2.94
CA GLU E 153 27.66 1.22 -3.95
C GLU E 153 26.57 0.25 -3.51
N ILE E 154 25.32 0.58 -3.87
CA ILE E 154 24.19 -0.23 -3.45
C ILE E 154 24.31 -1.64 -4.02
N TYR E 155 23.98 -2.63 -3.19
CA TYR E 155 24.05 -4.03 -3.57
C TYR E 155 22.71 -4.47 -4.15
N GLN E 156 22.75 -5.16 -5.29
CA GLN E 156 21.55 -5.68 -5.95
C GLN E 156 21.29 -7.10 -5.46
N ALA E 157 20.30 -7.24 -4.57
CA ALA E 157 19.99 -8.52 -3.95
C ALA E 157 18.79 -9.22 -4.58
N GLY E 158 18.31 -8.73 -5.72
CA GLY E 158 17.15 -9.34 -6.36
C GLY E 158 17.19 -9.16 -7.86
N SER E 159 16.16 -9.69 -8.52
CA SER E 159 16.10 -9.60 -9.98
C SER E 159 15.89 -8.16 -10.44
N THR E 160 15.13 -7.38 -9.68
CA THR E 160 14.91 -5.99 -10.05
C THR E 160 16.21 -5.20 -9.90
N PRO E 161 16.65 -4.48 -10.93
CA PRO E 161 17.85 -3.65 -10.77
C PRO E 161 17.61 -2.51 -9.79
N CYS E 162 18.71 -1.95 -9.30
CA CYS E 162 18.67 -0.86 -8.33
C CYS E 162 18.56 0.50 -9.00
N ASN E 163 19.38 0.75 -10.01
CA ASN E 163 19.46 2.06 -10.65
C ASN E 163 19.93 3.11 -9.64
N GLY E 164 21.05 2.82 -8.98
CA GLY E 164 21.67 3.77 -8.07
C GLY E 164 20.80 4.27 -6.94
N VAL E 165 19.63 3.69 -6.75
CA VAL E 165 18.67 4.11 -5.72
C VAL E 165 18.41 2.96 -4.77
N GLU E 166 18.46 3.25 -3.48
CA GLU E 166 18.16 2.24 -2.46
C GLU E 166 16.67 1.92 -2.45
N GLY E 167 16.35 0.64 -2.25
CA GLY E 167 14.96 0.23 -2.19
C GLY E 167 14.81 -1.26 -2.03
N PHE E 168 13.62 -1.75 -2.42
CA PHE E 168 13.29 -3.17 -2.34
C PHE E 168 14.31 -4.02 -3.07
N ASN E 169 14.94 -4.93 -2.34
CA ASN E 169 15.95 -5.85 -2.88
C ASN E 169 17.19 -5.11 -3.35
N CYS E 170 17.35 -3.85 -2.95
CA CYS E 170 18.54 -3.06 -3.22
C CYS E 170 18.96 -2.41 -1.92
N TYR E 171 20.06 -2.87 -1.34
CA TYR E 171 20.45 -2.51 0.01
C TYR E 171 21.80 -1.81 0.03
N PHE E 172 21.96 -0.91 1.00
CA PHE E 172 23.26 -0.31 1.23
C PHE E 172 24.20 -1.37 1.80
N PRO E 173 25.44 -1.47 1.31
CA PRO E 173 26.28 -2.62 1.67
C PRO E 173 26.83 -2.58 3.09
N LEU E 174 26.75 -1.44 3.78
CA LEU E 174 27.35 -1.30 5.10
C LEU E 174 26.25 -1.07 6.14
N GLN E 175 26.53 -1.53 7.35
CA GLN E 175 25.65 -1.31 8.49
C GLN E 175 26.50 -1.06 9.73
N SER E 176 25.92 -0.36 10.70
CA SER E 176 26.63 0.05 11.90
C SER E 176 26.34 -0.93 13.02
N TYR E 177 27.35 -1.21 13.84
CA TYR E 177 27.18 -2.09 14.98
C TYR E 177 26.26 -1.51 16.04
N GLY E 178 26.17 -0.18 16.11
CA GLY E 178 25.30 0.45 17.08
C GLY E 178 25.63 -0.01 18.49
N PHE E 179 26.91 0.06 18.82
CA PHE E 179 27.42 -0.45 20.09
C PHE E 179 26.83 0.32 21.26
N GLN E 180 25.88 -0.30 21.98
CA GLN E 180 25.38 0.35 23.18
C GLN E 180 26.02 -0.27 24.43
N PRO E 181 26.22 0.53 25.49
CA PRO E 181 26.95 0.02 26.65
C PRO E 181 26.20 -1.03 27.44
N THR E 182 24.88 -1.11 27.31
CA THR E 182 24.10 -2.11 28.03
C THR E 182 24.02 -3.44 27.30
N ASN E 183 24.69 -3.56 26.14
CA ASN E 183 24.65 -4.80 25.40
C ASN E 183 25.33 -5.92 26.19
N GLY E 184 25.20 -7.13 25.68
CA GLY E 184 25.90 -8.26 26.27
C GLY E 184 27.35 -8.30 25.84
N VAL E 185 28.19 -8.91 26.69
CA VAL E 185 29.62 -8.94 26.43
C VAL E 185 29.91 -9.53 25.06
N GLY E 186 29.05 -10.45 24.59
CA GLY E 186 29.25 -11.01 23.26
C GLY E 186 28.97 -10.02 22.15
N TYR E 187 28.06 -9.07 22.38
CA TYR E 187 27.70 -8.06 21.41
C TYR E 187 28.40 -6.72 21.67
N GLN E 188 29.40 -6.70 22.54
CA GLN E 188 30.15 -5.50 22.86
C GLN E 188 31.35 -5.35 21.94
N PRO E 189 31.93 -4.15 21.84
CA PRO E 189 33.06 -3.95 20.94
C PRO E 189 34.32 -4.61 21.46
N TYR E 190 35.13 -5.08 20.50
CA TYR E 190 36.38 -5.76 20.76
C TYR E 190 37.37 -5.27 19.71
N ARG E 191 38.50 -4.74 20.18
CA ARG E 191 39.57 -4.31 19.29
C ARG E 191 40.45 -5.49 18.96
N VAL E 192 40.75 -5.66 17.67
CA VAL E 192 41.50 -6.78 17.15
C VAL E 192 42.73 -6.27 16.42
N VAL E 193 43.86 -6.93 16.65
CA VAL E 193 45.14 -6.63 16.04
C VAL E 193 45.73 -7.93 15.52
N VAL E 194 46.00 -8.00 14.23
CA VAL E 194 46.53 -9.18 13.56
C VAL E 194 47.96 -8.87 13.12
N LEU E 195 48.91 -9.69 13.57
CA LEU E 195 50.32 -9.55 13.22
C LEU E 195 50.65 -10.65 12.22
N SER E 196 50.81 -10.29 10.96
CA SER E 196 51.19 -11.23 9.92
C SER E 196 52.69 -11.15 9.68
N PHE E 197 53.30 -12.31 9.42
CA PHE E 197 54.74 -12.43 9.22
C PHE E 197 55.04 -12.87 7.79
N GLU F 1 15.15 19.10 12.78
CA GLU F 1 15.00 18.62 11.37
C GLU F 1 16.37 18.34 10.75
N VAL F 2 16.41 18.22 9.43
CA VAL F 2 17.65 18.07 8.68
C VAL F 2 17.50 18.80 7.37
N GLN F 3 18.58 19.41 6.90
CA GLN F 3 18.55 20.12 5.63
C GLN F 3 19.95 20.17 5.05
N LEU F 4 20.12 19.63 3.84
CA LEU F 4 21.37 19.71 3.09
C LEU F 4 21.23 20.83 2.06
N VAL F 5 22.06 21.85 2.18
CA VAL F 5 22.07 22.98 1.27
C VAL F 5 23.33 22.90 0.42
N GLU F 6 23.16 22.80 -0.89
CA GLU F 6 24.27 22.70 -1.81
C GLU F 6 24.54 24.06 -2.45
N SER F 7 25.83 24.37 -2.60
CA SER F 7 26.29 25.64 -3.16
C SER F 7 27.39 25.32 -4.17
N GLY F 8 27.78 26.34 -4.94
CA GLY F 8 28.62 26.09 -6.08
C GLY F 8 27.78 25.76 -7.29
N GLY F 9 28.43 25.27 -8.34
CA GLY F 9 27.71 24.90 -9.53
C GLY F 9 27.40 26.08 -10.41
N GLY F 10 26.81 25.77 -11.56
CA GLY F 10 26.49 26.79 -12.54
C GLY F 10 27.06 26.44 -13.90
N LEU F 11 27.69 27.39 -14.58
CA LEU F 11 28.28 27.16 -15.89
C LEU F 11 29.80 27.18 -15.80
N VAL F 12 30.44 26.23 -16.48
CA VAL F 12 31.88 26.10 -16.52
C VAL F 12 32.30 25.83 -17.96
N GLN F 13 33.60 25.97 -18.22
CA GLN F 13 34.13 25.74 -19.55
C GLN F 13 34.86 24.41 -19.63
N PRO F 14 34.80 23.71 -20.77
CA PRO F 14 35.58 22.48 -20.91
C PRO F 14 37.05 22.71 -20.58
N GLY F 15 37.65 21.78 -19.87
CA GLY F 15 39.01 21.92 -19.41
C GLY F 15 39.17 22.72 -18.15
N GLY F 16 38.11 23.40 -17.70
CA GLY F 16 38.14 24.16 -16.47
C GLY F 16 37.93 23.26 -15.26
N SER F 17 37.58 23.89 -14.14
CA SER F 17 37.34 23.19 -12.89
C SER F 17 36.19 23.84 -12.16
N LEU F 18 35.70 23.17 -11.12
CA LEU F 18 34.55 23.68 -10.38
C LEU F 18 34.42 22.89 -9.09
N ARG F 19 34.10 23.58 -8.00
CA ARG F 19 33.93 22.95 -6.70
C ARG F 19 32.52 23.17 -6.19
N LEU F 20 31.84 22.07 -5.85
CA LEU F 20 30.54 22.10 -5.21
C LEU F 20 30.71 21.87 -3.72
N SER F 21 29.82 22.46 -2.93
CA SER F 21 29.85 22.33 -1.48
C SER F 21 28.46 21.97 -0.99
N CYS F 22 28.42 21.31 0.17
CA CYS F 22 27.16 20.94 0.81
C CYS F 22 27.29 21.16 2.31
N ALA F 23 26.28 21.79 2.89
CA ALA F 23 26.25 22.14 4.30
C ALA F 23 25.00 21.56 4.93
N ALA F 24 25.16 20.79 6.00
CA ALA F 24 24.05 20.18 6.70
C ALA F 24 23.67 21.02 7.92
N SER F 25 22.36 21.08 8.20
CA SER F 25 21.88 21.82 9.36
C SER F 25 20.63 21.15 9.90
N GLY F 26 20.58 20.96 11.23
CA GLY F 26 19.41 20.39 11.85
C GLY F 26 19.73 19.42 12.96
N ARG F 27 19.86 18.13 12.63
CA ARG F 27 20.11 17.08 13.61
C ARG F 27 21.52 16.54 13.43
N THR F 28 22.20 16.30 14.55
CA THR F 28 23.53 15.70 14.49
C THR F 28 23.38 14.25 14.04
N PHE F 29 24.22 13.85 13.08
CA PHE F 29 24.09 12.53 12.49
C PHE F 29 24.70 11.46 13.37
N ARG F 30 24.01 10.33 13.47
CA ARG F 30 24.48 9.19 14.23
C ARG F 30 25.79 8.63 13.69
N VAL F 31 26.10 8.87 12.42
CA VAL F 31 27.34 8.44 11.79
C VAL F 31 27.85 9.59 10.94
N ASN F 32 29.15 9.55 10.65
CA ASN F 32 29.81 10.54 9.81
C ASN F 32 30.15 9.86 8.49
N LEU F 33 29.23 9.98 7.53
CA LEU F 33 29.40 9.38 6.21
C LEU F 33 28.63 10.24 5.22
N MET F 34 29.33 10.72 4.18
CA MET F 34 28.74 11.62 3.21
C MET F 34 29.05 11.13 1.80
N GLY F 35 28.38 11.72 0.82
CA GLY F 35 28.63 11.34 -0.56
C GLY F 35 28.02 12.33 -1.53
N TRP F 36 28.52 12.28 -2.75
CA TRP F 36 27.98 13.05 -3.86
C TRP F 36 27.46 12.10 -4.93
N PHE F 37 26.30 12.46 -5.48
CA PHE F 37 25.60 11.71 -6.52
C PHE F 37 25.38 12.62 -7.72
N ARG F 38 25.23 12.02 -8.90
CA ARG F 38 25.09 12.76 -10.15
C ARG F 38 23.99 12.14 -10.99
N GLN F 39 22.95 12.91 -11.29
CA GLN F 39 21.88 12.48 -12.19
C GLN F 39 21.97 13.32 -13.46
N ALA F 40 22.31 12.67 -14.58
CA ALA F 40 22.34 13.35 -15.86
C ALA F 40 20.94 13.37 -16.48
N PRO F 41 20.65 14.32 -17.36
CA PRO F 41 19.31 14.38 -17.97
C PRO F 41 19.07 13.13 -18.82
N GLY F 42 17.99 12.42 -18.48
CA GLY F 42 17.64 11.21 -19.20
C GLY F 42 18.40 9.97 -18.78
N LYS F 43 19.19 10.05 -17.71
CA LYS F 43 19.96 8.91 -17.23
C LYS F 43 19.69 8.71 -15.75
N GLY F 44 20.16 7.57 -15.22
CA GLY F 44 19.93 7.25 -13.83
C GLY F 44 20.90 7.94 -12.88
N ARG F 45 20.52 7.95 -11.61
CA ARG F 45 21.34 8.55 -10.57
C ARG F 45 22.65 7.80 -10.44
N GLU F 46 23.75 8.54 -10.44
CA GLU F 46 25.08 7.97 -10.33
C GLU F 46 25.69 8.35 -8.98
N LEU F 47 26.58 7.50 -8.50
CA LEU F 47 27.38 7.81 -7.32
C LEU F 47 28.68 8.42 -7.82
N VAL F 48 29.03 9.58 -7.27
CA VAL F 48 30.24 10.29 -7.66
C VAL F 48 31.35 10.09 -6.65
N ALA F 49 31.03 10.13 -5.37
CA ALA F 49 32.08 9.94 -4.37
C ALA F 49 31.45 9.69 -3.01
N SER F 50 32.20 9.03 -2.14
CA SER F 50 31.73 8.82 -0.77
C SER F 50 32.90 8.91 0.21
N ILE F 51 32.67 9.54 1.36
CA ILE F 51 33.69 9.69 2.38
C ILE F 51 33.14 9.24 3.73
N ASN F 52 33.92 8.43 4.44
CA ASN F 52 33.67 8.09 5.83
C ASN F 52 34.62 8.96 6.65
N GLY F 53 34.05 9.95 7.36
CA GLY F 53 34.87 10.86 8.14
C GLY F 53 35.43 10.23 9.39
N PHE F 54 34.75 9.22 9.92
CA PHE F 54 35.28 8.50 11.08
C PHE F 54 36.61 7.83 10.74
N ASP F 55 36.73 7.31 9.53
CA ASP F 55 37.97 6.71 9.05
C ASP F 55 38.71 7.59 8.05
N ASP F 56 38.14 8.73 7.65
CA ASP F 56 38.81 9.62 6.71
C ASP F 56 39.14 8.87 5.42
N ILE F 57 38.17 8.10 4.93
CA ILE F 57 38.38 7.19 3.81
C ILE F 57 37.46 7.58 2.66
N THR F 58 38.00 7.62 1.45
CA THR F 58 37.26 8.02 0.26
C THR F 58 37.08 6.85 -0.69
N TYR F 59 35.99 6.91 -1.46
CA TYR F 59 35.67 5.91 -2.48
C TYR F 59 35.17 6.62 -3.73
N TYR F 60 35.82 6.32 -4.85
CA TYR F 60 35.47 6.81 -6.18
C TYR F 60 35.23 5.65 -7.13
N PRO F 61 34.10 5.61 -7.83
CA PRO F 61 33.93 4.60 -8.87
C PRO F 61 34.89 4.83 -10.02
N ASP F 62 35.18 3.75 -10.77
CA ASP F 62 36.17 3.84 -11.83
C ASP F 62 35.79 4.87 -12.89
N SER F 63 34.53 5.31 -12.92
CA SER F 63 34.09 6.26 -13.95
C SER F 63 34.71 7.63 -13.74
N VAL F 64 34.78 8.09 -12.49
CA VAL F 64 35.31 9.41 -12.16
C VAL F 64 36.30 9.27 -11.01
N GLU F 65 37.42 8.60 -11.29
CA GLU F 65 38.43 8.32 -10.27
C GLU F 65 39.51 9.38 -10.24
N GLY F 66 40.26 9.52 -11.33
CA GLY F 66 41.34 10.48 -11.39
C GLY F 66 40.94 11.92 -11.61
N ARG F 67 39.65 12.17 -11.84
CA ARG F 67 39.17 13.51 -12.15
C ARG F 67 38.48 14.21 -10.99
N PHE F 68 37.68 13.50 -10.18
CA PHE F 68 36.94 14.11 -9.09
C PHE F 68 37.59 13.80 -7.74
N THR F 69 37.35 14.68 -6.77
CA THR F 69 37.87 14.49 -5.42
C THR F 69 36.84 14.99 -4.42
N ILE F 70 36.66 14.24 -3.33
CA ILE F 70 35.70 14.59 -2.29
C ILE F 70 36.45 14.83 -0.99
N SER F 71 36.04 15.86 -0.27
CA SER F 71 36.65 16.24 0.99
C SER F 71 35.56 16.59 1.98
N ARG F 72 35.95 16.77 3.24
CA ARG F 72 34.99 17.08 4.29
C ARG F 72 35.62 18.02 5.29
N ASP F 73 34.79 18.86 5.89
CA ASP F 73 35.15 19.73 7.01
C ASP F 73 34.19 19.38 8.14
N ASN F 74 34.65 18.49 9.03
CA ASN F 74 33.76 17.95 10.06
C ASN F 74 33.29 19.05 11.00
N ALA F 75 34.19 19.94 11.41
CA ALA F 75 33.81 20.99 12.35
C ALA F 75 32.70 21.86 11.78
N LYS F 76 32.79 22.21 10.51
CA LYS F 76 31.79 23.04 9.86
C LYS F 76 30.63 22.24 9.28
N ARG F 77 30.63 20.92 9.45
CA ARG F 77 29.60 20.05 8.87
C ARG F 77 29.50 20.22 7.36
N MET F 78 30.62 20.51 6.70
CA MET F 78 30.64 20.71 5.26
C MET F 78 31.22 19.50 4.56
N VAL F 79 30.80 19.28 3.32
CA VAL F 79 31.39 18.26 2.45
C VAL F 79 31.50 18.85 1.05
N TYR F 80 32.67 18.72 0.44
CA TYR F 80 32.97 19.35 -0.83
C TYR F 80 33.32 18.32 -1.88
N LEU F 81 33.07 18.66 -3.14
CA LEU F 81 33.41 17.83 -4.29
C LEU F 81 34.02 18.73 -5.35
N GLN F 82 35.30 18.56 -5.62
CA GLN F 82 35.99 19.33 -6.64
C GLN F 82 36.11 18.48 -7.90
N MET F 83 35.75 19.08 -9.03
CA MET F 83 35.74 18.44 -10.33
C MET F 83 36.75 19.17 -11.20
N ASN F 84 37.67 18.41 -11.79
CA ASN F 84 38.78 18.98 -12.54
C ASN F 84 38.82 18.37 -13.93
N SER F 85 39.38 19.12 -14.87
CA SER F 85 39.39 18.72 -16.28
C SER F 85 37.97 18.42 -16.75
N LEU F 86 37.05 19.31 -16.41
CA LEU F 86 35.63 19.08 -16.67
C LEU F 86 35.40 18.87 -18.17
N ARG F 87 34.64 17.83 -18.49
CA ARG F 87 34.26 17.51 -19.85
C ARG F 87 32.77 17.78 -20.04
N ALA F 88 32.36 17.82 -21.31
CA ALA F 88 30.94 18.01 -21.61
C ALA F 88 30.09 16.87 -21.06
N GLU F 89 30.70 15.70 -20.83
CA GLU F 89 29.94 14.57 -20.28
C GLU F 89 29.44 14.86 -18.87
N ASP F 90 30.11 15.75 -18.14
CA ASP F 90 29.82 15.95 -16.73
C ASP F 90 28.61 16.84 -16.49
N THR F 91 28.03 17.44 -17.52
CA THR F 91 26.84 18.27 -17.33
C THR F 91 25.72 17.45 -16.70
N ALA F 92 25.26 17.87 -15.52
CA ALA F 92 24.24 17.11 -14.82
C ALA F 92 23.81 17.80 -13.53
N VAL F 93 22.84 17.22 -12.82
CA VAL F 93 22.43 17.72 -11.51
C VAL F 93 23.19 16.92 -10.46
N TYR F 94 23.87 17.64 -9.56
CA TYR F 94 24.67 17.03 -8.52
C TYR F 94 23.94 17.14 -7.19
N TYR F 95 23.77 16.01 -6.51
CA TYR F 95 23.08 15.94 -5.25
C TYR F 95 24.04 15.58 -4.13
N CYS F 96 23.75 16.09 -2.94
CA CYS F 96 24.51 15.81 -1.74
C CYS F 96 23.75 14.76 -0.95
N ALA F 97 24.50 13.85 -0.32
CA ALA F 97 23.92 12.72 0.40
C ALA F 97 24.56 12.64 1.77
N ALA F 98 23.73 12.71 2.80
CA ALA F 98 24.17 12.61 4.19
C ALA F 98 23.53 11.37 4.81
N TYR F 99 24.38 10.43 5.23
CA TYR F 99 23.88 9.18 5.76
C TYR F 99 23.65 9.29 7.27
N ASP F 100 22.59 8.64 7.73
CA ASP F 100 22.26 8.53 9.14
C ASP F 100 21.94 7.06 9.41
N SER F 101 21.76 6.73 10.68
CA SER F 101 21.59 5.35 11.11
C SER F 101 20.32 5.16 11.91
N ASP F 102 19.81 3.93 11.85
CA ASP F 102 18.72 3.49 12.70
C ASP F 102 19.26 3.02 14.05
N TYR F 103 18.34 2.85 15.01
CA TYR F 103 18.75 2.34 16.32
C TYR F 103 19.47 1.01 16.19
N ASP F 104 18.99 0.15 15.29
CA ASP F 104 19.64 -1.13 15.04
C ASP F 104 20.97 -0.96 14.33
N GLY F 105 21.18 0.17 13.67
CA GLY F 105 22.37 0.41 12.89
C GLY F 105 22.12 0.49 11.39
N ARG F 106 20.90 0.23 10.94
CA ARG F 106 20.59 0.31 9.52
C ARG F 106 20.77 1.74 9.00
N LEU F 107 21.46 1.86 7.87
CA LEU F 107 21.81 3.17 7.29
C LEU F 107 20.78 3.61 6.26
N PHE F 108 20.27 4.84 6.40
CA PHE F 108 19.44 5.44 5.37
C PHE F 108 20.19 6.62 4.74
N ASN F 109 19.47 7.42 3.95
CA ASN F 109 20.08 8.44 3.09
C ASN F 109 19.24 9.70 3.07
N TYR F 110 19.87 10.84 3.39
CA TYR F 110 19.25 12.15 3.24
C TYR F 110 19.78 12.82 1.98
N TRP F 111 18.88 13.48 1.24
CA TRP F 111 19.20 14.08 -0.05
C TRP F 111 19.03 15.59 0.00
N GLY F 112 19.86 16.29 -0.80
CA GLY F 112 19.70 17.71 -1.02
C GLY F 112 18.91 18.01 -2.27
N GLN F 113 18.60 19.30 -2.45
CA GLN F 113 17.81 19.71 -3.61
C GLN F 113 18.52 19.41 -4.92
N GLY F 114 19.85 19.52 -4.94
CA GLY F 114 20.61 19.31 -6.16
C GLY F 114 20.93 20.62 -6.85
N THR F 115 22.11 20.72 -7.47
CA THR F 115 22.50 21.92 -8.19
C THR F 115 22.97 21.53 -9.59
N GLN F 116 22.63 22.36 -10.57
CA GLN F 116 22.95 22.09 -11.96
C GLN F 116 24.37 22.50 -12.28
N VAL F 117 25.03 21.69 -13.12
CA VAL F 117 26.36 22.01 -13.62
C VAL F 117 26.32 21.83 -15.13
N THR F 118 26.70 22.88 -15.86
CA THR F 118 26.70 22.92 -17.31
C THR F 118 28.11 23.19 -17.79
N VAL F 119 28.50 22.55 -18.89
CA VAL F 119 29.84 22.67 -19.44
C VAL F 119 29.70 23.06 -20.91
N SER F 120 29.81 24.35 -21.22
CA SER F 120 29.67 24.84 -22.58
C SER F 120 30.88 25.68 -22.95
N SER F 121 31.24 25.64 -24.23
CA SER F 121 32.39 26.39 -24.72
C SER F 121 32.06 27.88 -24.87
N ASN G 16 -56.86 28.60 -19.74
CA ASN G 16 -56.80 27.56 -18.72
C ASN G 16 -56.97 26.16 -19.30
N LEU G 17 -56.01 25.74 -20.12
CA LEU G 17 -55.98 24.39 -20.66
C LEU G 17 -54.90 23.60 -19.91
N CYS G 18 -55.13 22.30 -19.75
CA CYS G 18 -54.19 21.51 -18.95
C CYS G 18 -52.84 21.44 -19.67
N PRO G 19 -51.72 21.57 -18.94
CA PRO G 19 -50.40 21.57 -19.58
C PRO G 19 -49.83 20.17 -19.76
N PHE G 20 -50.57 19.32 -20.48
CA PHE G 20 -50.09 17.96 -20.69
C PHE G 20 -48.96 17.91 -21.72
N GLY G 21 -48.99 18.81 -22.71
CA GLY G 21 -47.88 18.90 -23.64
C GLY G 21 -46.59 19.35 -22.95
N GLU G 22 -46.71 20.23 -21.97
CA GLU G 22 -45.54 20.65 -21.21
C GLU G 22 -44.91 19.48 -20.46
N VAL G 23 -45.72 18.47 -20.13
CA VAL G 23 -45.20 17.30 -19.42
C VAL G 23 -44.60 16.31 -20.41
N PHE G 24 -45.35 15.96 -21.45
CA PHE G 24 -44.90 14.96 -22.40
C PHE G 24 -43.75 15.48 -23.27
N ASN G 25 -43.99 16.58 -23.98
CA ASN G 25 -43.00 17.15 -24.87
C ASN G 25 -42.01 18.07 -24.16
N ALA G 26 -41.81 17.89 -22.87
CA ALA G 26 -40.84 18.69 -22.13
C ALA G 26 -39.46 18.53 -22.73
N THR G 27 -38.64 19.58 -22.61
CA THR G 27 -37.32 19.54 -23.20
C THR G 27 -36.43 18.50 -22.51
N ARG G 28 -36.46 18.44 -21.18
CA ARG G 28 -35.65 17.50 -20.42
C ARG G 28 -36.49 16.92 -19.30
N PHE G 29 -36.30 15.62 -19.05
CA PHE G 29 -36.98 14.92 -17.98
C PHE G 29 -36.04 14.75 -16.79
N ALA G 30 -36.63 14.57 -15.62
CA ALA G 30 -35.89 14.45 -14.37
C ALA G 30 -35.44 13.01 -14.13
N SER G 31 -34.43 12.87 -13.28
CA SER G 31 -33.95 11.54 -12.90
C SER G 31 -35.04 10.79 -12.13
N VAL G 32 -34.99 9.45 -12.22
CA VAL G 32 -36.04 8.64 -11.61
C VAL G 32 -35.99 8.75 -10.09
N TYR G 33 -34.78 8.82 -9.52
CA TYR G 33 -34.66 8.97 -8.07
C TYR G 33 -35.25 10.30 -7.61
N ALA G 34 -35.15 11.32 -8.46
CA ALA G 34 -35.74 12.63 -8.22
C ALA G 34 -36.90 12.87 -9.18
N TRP G 35 -37.74 11.84 -9.37
CA TRP G 35 -38.85 11.93 -10.30
C TRP G 35 -39.65 13.21 -10.07
N ASN G 36 -40.07 13.83 -11.17
CA ASN G 36 -40.77 15.11 -11.08
C ASN G 36 -42.26 14.87 -11.03
N ARG G 37 -42.98 15.77 -10.36
CA ARG G 37 -44.43 15.69 -10.25
C ARG G 37 -45.02 17.06 -10.52
N LYS G 38 -46.12 17.08 -11.27
CA LYS G 38 -46.83 18.31 -11.60
C LYS G 38 -48.30 18.14 -11.30
N ARG G 39 -48.84 19.02 -10.46
CA ARG G 39 -50.28 19.01 -10.24
C ARG G 39 -50.95 19.63 -11.45
N ILE G 40 -51.95 18.94 -11.99
CA ILE G 40 -52.66 19.45 -13.16
C ILE G 40 -54.11 19.56 -12.72
N SER G 41 -54.44 20.64 -12.03
CA SER G 41 -55.78 20.89 -11.57
C SER G 41 -56.24 22.23 -12.11
N ASN G 42 -57.57 22.41 -12.15
CA ASN G 42 -58.16 23.66 -12.59
C ASN G 42 -57.74 23.97 -14.04
N CYS G 43 -58.22 23.11 -14.94
CA CYS G 43 -57.97 23.30 -16.37
C CYS G 43 -59.06 22.56 -17.15
N VAL G 44 -58.93 22.59 -18.47
CA VAL G 44 -59.80 21.85 -19.38
C VAL G 44 -58.89 20.91 -20.16
N ALA G 45 -59.13 19.61 -20.00
CA ALA G 45 -58.21 18.59 -20.49
C ALA G 45 -58.53 18.18 -21.93
N ASP G 46 -57.47 17.91 -22.70
CA ASP G 46 -57.58 17.38 -24.04
C ASP G 46 -56.82 16.05 -24.16
N SER G 55 -46.84 8.11 -31.18
CA SER G 55 -47.07 6.73 -30.76
C SER G 55 -46.15 6.35 -29.59
N PHE G 56 -46.76 5.86 -28.53
CA PHE G 56 -46.07 5.43 -27.33
C PHE G 56 -45.74 3.95 -27.39
N SER G 57 -44.63 3.57 -26.77
CA SER G 57 -44.26 2.17 -26.65
C SER G 57 -44.86 1.49 -25.43
N THR G 58 -45.54 2.24 -24.56
CA THR G 58 -46.23 1.67 -23.41
C THR G 58 -47.37 2.59 -23.01
N PHE G 59 -48.58 2.04 -22.89
CA PHE G 59 -49.75 2.81 -22.47
C PHE G 59 -50.67 1.84 -21.72
N LYS G 60 -50.59 1.85 -20.39
CA LYS G 60 -51.35 0.92 -19.56
C LYS G 60 -52.10 1.65 -18.46
N CYS G 61 -53.39 1.33 -18.28
CA CYS G 61 -54.21 2.00 -17.29
C CYS G 61 -54.75 1.02 -16.27
N TYR G 62 -54.63 1.39 -14.99
CA TYR G 62 -55.10 0.59 -13.86
C TYR G 62 -56.23 1.34 -13.19
N GLY G 63 -57.41 0.71 -13.17
CA GLY G 63 -58.60 1.29 -12.60
C GLY G 63 -59.33 2.25 -13.51
N VAL G 64 -58.75 2.58 -14.66
CA VAL G 64 -59.35 3.49 -15.63
C VAL G 64 -59.09 2.98 -17.04
N SER G 65 -59.97 3.34 -17.96
CA SER G 65 -59.83 2.97 -19.36
C SER G 65 -60.04 4.21 -20.22
N PRO G 66 -59.14 4.52 -21.17
CA PRO G 66 -59.36 5.74 -21.97
C PRO G 66 -60.49 5.59 -22.98
N PHE G 74 -60.55 13.17 -12.89
CA PHE G 74 -61.45 13.00 -11.75
C PHE G 74 -61.43 14.25 -10.85
N THR G 75 -60.66 14.20 -9.76
CA THR G 75 -60.54 15.32 -8.84
C THR G 75 -59.10 15.75 -8.66
N ASN G 76 -58.25 14.90 -8.08
CA ASN G 76 -56.83 15.20 -7.89
C ASN G 76 -56.05 14.42 -8.94
N VAL G 77 -55.52 15.11 -9.94
CA VAL G 77 -54.65 14.49 -10.94
C VAL G 77 -53.23 14.99 -10.73
N TYR G 78 -52.27 14.08 -10.87
CA TYR G 78 -50.86 14.40 -10.76
C TYR G 78 -50.12 13.71 -11.90
N ALA G 79 -49.28 14.45 -12.61
CA ALA G 79 -48.49 13.92 -13.70
C ALA G 79 -47.04 13.85 -13.24
N ASP G 80 -46.57 12.64 -12.95
CA ASP G 80 -45.18 12.41 -12.63
C ASP G 80 -44.44 12.05 -13.91
N SER G 81 -43.19 12.51 -14.03
CA SER G 81 -42.38 12.24 -15.20
C SER G 81 -40.96 11.94 -14.77
N PHE G 82 -40.32 11.05 -15.51
CA PHE G 82 -38.92 10.71 -15.27
C PHE G 82 -38.41 9.89 -16.46
N VAL G 83 -37.17 9.42 -16.35
CA VAL G 83 -36.52 8.62 -17.38
C VAL G 83 -35.94 7.37 -16.74
N ILE G 84 -36.09 6.22 -17.41
CA ILE G 84 -35.49 4.97 -16.95
C ILE G 84 -35.12 4.15 -18.18
N ARG G 85 -34.45 3.03 -17.97
CA ARG G 85 -34.11 2.18 -19.11
C ARG G 85 -35.22 1.16 -19.35
N GLY G 86 -35.29 0.68 -20.60
CA GLY G 86 -36.40 -0.18 -20.99
C GLY G 86 -36.64 -1.34 -20.05
N ASP G 87 -35.57 -2.04 -19.67
CA ASP G 87 -35.70 -3.20 -18.79
C ASP G 87 -36.48 -2.87 -17.53
N GLU G 88 -36.36 -1.64 -17.03
CA GLU G 88 -37.00 -1.27 -15.78
C GLU G 88 -38.39 -0.68 -15.96
N VAL G 89 -38.82 -0.42 -17.20
CA VAL G 89 -40.13 0.19 -17.41
C VAL G 89 -41.23 -0.73 -16.89
N ARG G 90 -40.97 -2.04 -16.82
CA ARG G 90 -41.95 -2.98 -16.31
C ARG G 90 -42.15 -2.86 -14.80
N GLN G 91 -41.38 -2.03 -14.12
CA GLN G 91 -41.54 -1.83 -12.68
C GLN G 91 -42.50 -0.69 -12.35
N ILE G 92 -42.91 0.11 -13.33
CA ILE G 92 -43.83 1.22 -13.10
C ILE G 92 -45.26 0.69 -13.12
N ALA G 93 -45.60 -0.14 -12.15
CA ALA G 93 -46.95 -0.70 -12.02
C ALA G 93 -47.15 -1.13 -10.58
N PRO G 94 -48.40 -1.33 -10.15
CA PRO G 94 -48.64 -1.68 -8.75
C PRO G 94 -47.99 -3.00 -8.38
N GLY G 95 -47.57 -3.09 -7.11
CA GLY G 95 -47.06 -4.33 -6.57
C GLY G 95 -45.85 -4.90 -7.30
N GLN G 96 -44.93 -4.03 -7.71
CA GLN G 96 -43.69 -4.45 -8.35
C GLN G 96 -42.51 -4.18 -7.43
N THR G 97 -41.43 -4.96 -7.63
CA THR G 97 -40.20 -4.82 -6.86
C THR G 97 -39.04 -4.64 -7.83
N GLY G 98 -37.89 -4.25 -7.29
CA GLY G 98 -36.70 -4.00 -8.06
C GLY G 98 -36.05 -2.72 -7.60
N LYS G 99 -35.00 -2.30 -8.32
CA LYS G 99 -34.31 -1.06 -7.97
C LYS G 99 -35.25 0.12 -8.07
N ILE G 100 -35.96 0.24 -9.19
CA ILE G 100 -36.81 1.40 -9.42
C ILE G 100 -38.04 1.34 -8.53
N ALA G 101 -38.65 0.16 -8.38
CA ALA G 101 -39.87 0.06 -7.60
C ALA G 101 -39.60 0.22 -6.10
N ASP G 102 -38.40 -0.11 -5.65
CA ASP G 102 -38.09 -0.13 -4.23
C ASP G 102 -37.35 1.11 -3.74
N TYR G 103 -36.52 1.73 -4.58
CA TYR G 103 -35.64 2.80 -4.12
C TYR G 103 -35.80 4.10 -4.89
N ASN G 104 -36.77 4.20 -5.79
CA ASN G 104 -36.92 5.42 -6.58
C ASN G 104 -38.38 5.86 -6.67
N TYR G 105 -39.19 5.11 -7.41
CA TYR G 105 -40.59 5.46 -7.61
C TYR G 105 -41.44 4.22 -7.44
N LYS G 106 -42.30 4.22 -6.42
CA LYS G 106 -43.18 3.11 -6.11
C LYS G 106 -44.62 3.50 -6.37
N LEU G 107 -45.34 2.65 -7.11
CA LEU G 107 -46.77 2.87 -7.29
C LEU G 107 -47.56 2.02 -6.31
N PRO G 108 -48.60 2.56 -5.67
CA PRO G 108 -49.32 1.79 -4.65
C PRO G 108 -50.10 0.64 -5.26
N ASP G 109 -50.49 -0.29 -4.38
CA ASP G 109 -51.24 -1.45 -4.83
C ASP G 109 -52.62 -1.06 -5.33
N ASP G 110 -53.20 0.00 -4.79
CA ASP G 110 -54.52 0.51 -5.20
C ASP G 110 -54.39 1.67 -6.18
N PHE G 111 -53.39 1.63 -7.04
CA PHE G 111 -53.16 2.73 -7.98
C PHE G 111 -54.38 2.92 -8.88
N THR G 112 -54.84 4.16 -8.98
CA THR G 112 -55.97 4.54 -9.82
C THR G 112 -55.48 5.56 -10.84
N GLY G 113 -54.92 5.06 -11.95
CA GLY G 113 -54.35 5.96 -12.94
C GLY G 113 -53.87 5.28 -14.22
N CYS G 114 -52.88 5.88 -14.87
CA CYS G 114 -52.29 5.33 -16.07
C CYS G 114 -50.78 5.55 -16.06
N VAL G 115 -50.09 4.72 -16.83
CA VAL G 115 -48.64 4.74 -16.98
C VAL G 115 -48.33 4.72 -18.46
N ILE G 116 -47.62 5.74 -18.94
CA ILE G 116 -47.23 5.89 -20.34
C ILE G 116 -45.72 5.95 -20.40
N ALA G 117 -45.16 5.42 -21.48
CA ALA G 117 -43.71 5.45 -21.64
C ALA G 117 -43.36 5.30 -23.11
N TRP G 118 -42.26 5.94 -23.50
CA TRP G 118 -41.83 5.89 -24.90
C TRP G 118 -40.31 5.99 -24.98
N ASN G 119 -39.74 5.25 -25.93
CA ASN G 119 -38.30 5.29 -26.15
C ASN G 119 -37.84 6.68 -26.55
N SER G 120 -36.65 7.07 -26.07
CA SER G 120 -36.10 8.39 -26.33
C SER G 120 -34.60 8.33 -26.60
N ASN G 121 -34.12 7.24 -27.19
CA ASN G 121 -32.68 7.08 -27.42
C ASN G 121 -32.12 8.18 -28.32
N ASN G 122 -32.94 8.83 -29.12
CA ASN G 122 -32.47 9.89 -30.02
C ASN G 122 -32.38 11.24 -29.32
N LEU G 123 -32.80 11.34 -28.06
CA LEU G 123 -32.76 12.58 -27.29
C LEU G 123 -31.96 12.45 -26.02
N ASP G 124 -32.06 11.33 -25.32
CA ASP G 124 -31.45 11.14 -24.01
C ASP G 124 -30.22 10.25 -24.08
N SER G 125 -29.54 10.23 -25.23
CA SER G 125 -28.30 9.49 -25.39
C SER G 125 -27.38 10.32 -26.25
N LYS G 126 -26.14 10.48 -25.79
CA LYS G 126 -25.13 11.28 -26.47
C LYS G 126 -23.93 10.42 -26.79
N VAL G 127 -23.24 10.76 -27.88
CA VAL G 127 -21.98 10.10 -28.18
C VAL G 127 -21.04 10.32 -27.00
N GLY G 128 -20.41 9.24 -26.56
CA GLY G 128 -19.60 9.27 -25.35
C GLY G 128 -20.37 9.03 -24.08
N GLY G 129 -21.69 8.94 -24.14
CA GLY G 129 -22.49 8.61 -22.97
C GLY G 129 -23.20 9.79 -22.33
N ASN G 130 -24.50 9.64 -22.08
CA ASN G 130 -25.30 10.64 -21.37
C ASN G 130 -25.47 10.16 -19.93
N TYR G 131 -24.58 10.62 -19.05
CA TYR G 131 -24.56 10.19 -17.66
C TYR G 131 -25.40 11.07 -16.74
N ASN G 132 -26.20 11.98 -17.30
CA ASN G 132 -26.94 12.92 -16.46
C ASN G 132 -28.09 12.26 -15.71
N TYR G 133 -28.65 11.18 -16.24
CA TYR G 133 -29.79 10.51 -15.60
C TYR G 133 -29.29 9.55 -14.55
N LEU G 134 -29.77 9.70 -13.32
CA LEU G 134 -29.33 8.93 -12.18
C LEU G 134 -30.46 8.10 -11.61
N TYR G 135 -30.08 7.09 -10.81
CA TYR G 135 -31.02 6.25 -10.10
C TYR G 135 -30.38 5.76 -8.81
N ARG G 136 -31.21 5.46 -7.83
CA ARG G 136 -30.73 5.05 -6.51
C ARG G 136 -30.50 3.54 -6.47
N LEU G 137 -29.39 3.14 -5.84
CA LEU G 137 -29.06 1.73 -5.69
C LEU G 137 -29.54 1.15 -4.38
N PHE G 138 -29.35 1.87 -3.27
CA PHE G 138 -29.59 1.32 -1.94
C PHE G 138 -30.38 2.29 -1.07
N ARG G 139 -31.19 1.72 -0.19
CA ARG G 139 -31.80 2.44 0.91
C ARG G 139 -31.79 1.54 2.14
N LYS G 140 -31.95 2.16 3.32
CA LYS G 140 -32.11 1.37 4.53
C LYS G 140 -33.45 0.66 4.56
N SER G 141 -34.43 1.13 3.80
CA SER G 141 -35.75 0.52 3.74
C SER G 141 -36.36 0.83 2.39
N ASN G 142 -37.52 0.24 2.14
CA ASN G 142 -38.22 0.46 0.89
C ASN G 142 -38.99 1.77 0.90
N LEU G 143 -39.39 2.20 -0.29
CA LEU G 143 -40.08 3.47 -0.47
C LEU G 143 -41.59 3.28 -0.35
N LYS G 144 -42.24 4.11 0.46
CA LYS G 144 -43.67 4.16 0.46
C LYS G 144 -44.14 4.62 -0.92
N PRO G 145 -45.32 4.18 -1.39
CA PRO G 145 -45.77 4.60 -2.71
C PRO G 145 -45.86 6.11 -2.84
N PHE G 146 -45.40 6.61 -3.98
CA PHE G 146 -45.39 8.04 -4.32
C PHE G 146 -44.46 8.85 -3.44
N GLU G 147 -43.51 8.19 -2.77
CA GLU G 147 -42.49 8.87 -1.98
C GLU G 147 -41.26 9.15 -2.83
N ARG G 148 -40.56 10.24 -2.51
CA ARG G 148 -39.36 10.64 -3.22
C ARG G 148 -38.18 10.70 -2.24
N ASP G 149 -37.10 10.01 -2.59
CA ASP G 149 -35.85 10.09 -1.84
C ASP G 149 -34.81 10.80 -2.71
N ILE G 150 -34.25 11.89 -2.19
CA ILE G 150 -33.28 12.68 -2.94
C ILE G 150 -31.98 12.84 -2.15
N SER G 151 -31.79 12.02 -1.12
CA SER G 151 -30.64 12.15 -0.25
C SER G 151 -29.38 11.63 -0.92
N THR G 152 -28.24 12.20 -0.51
CA THR G 152 -26.92 11.77 -0.97
C THR G 152 -26.04 11.33 0.19
N GLU G 153 -26.65 10.80 1.25
CA GLU G 153 -25.87 10.30 2.37
C GLU G 153 -25.20 8.99 1.98
N ILE G 154 -23.95 8.82 2.41
CA ILE G 154 -23.23 7.60 2.05
C ILE G 154 -23.97 6.42 2.67
N TYR G 155 -24.06 5.33 1.92
CA TYR G 155 -24.79 4.16 2.38
C TYR G 155 -23.86 3.23 3.15
N GLN G 156 -24.32 2.82 4.33
CA GLN G 156 -23.57 1.88 5.16
C GLN G 156 -24.04 0.47 4.82
N ALA G 157 -23.23 -0.27 4.08
CA ALA G 157 -23.59 -1.60 3.61
C ALA G 157 -23.00 -2.69 4.51
N GLY G 158 -22.42 -2.30 5.64
CA GLY G 158 -21.83 -3.24 6.56
C GLY G 158 -21.81 -2.67 7.96
N SER G 159 -21.23 -3.44 8.88
CA SER G 159 -21.10 -3.01 10.27
C SER G 159 -20.14 -1.84 10.42
N THR G 160 -19.17 -1.72 9.54
CA THR G 160 -18.18 -0.66 9.63
C THR G 160 -18.83 0.71 9.45
N PRO G 161 -18.57 1.67 10.35
CA PRO G 161 -19.09 3.02 10.14
C PRO G 161 -18.47 3.66 8.90
N CYS G 162 -19.14 4.69 8.39
CA CYS G 162 -18.68 5.40 7.21
C CYS G 162 -18.14 6.78 7.51
N ASN G 163 -18.56 7.40 8.61
CA ASN G 163 -18.20 8.77 8.95
C ASN G 163 -18.30 9.68 7.73
N GLY G 164 -19.49 9.67 7.12
CA GLY G 164 -19.82 10.55 6.02
C GLY G 164 -18.90 10.48 4.82
N VAL G 165 -18.00 9.50 4.78
CA VAL G 165 -17.05 9.36 3.68
C VAL G 165 -17.25 7.99 3.02
N GLU G 166 -17.36 8.00 1.70
CA GLU G 166 -17.49 6.76 0.95
C GLU G 166 -16.16 6.01 0.95
N GLY G 167 -16.25 4.69 0.99
CA GLY G 167 -15.06 3.87 0.97
C GLY G 167 -15.40 2.41 1.01
N PHE G 168 -14.44 1.61 1.43
CA PHE G 168 -14.63 0.17 1.51
C PHE G 168 -15.88 -0.15 2.33
N ASN G 169 -16.85 -0.80 1.68
CA ASN G 169 -18.12 -1.17 2.29
C ASN G 169 -18.99 0.05 2.64
N CYS G 170 -18.69 1.21 2.07
CA CYS G 170 -19.50 2.41 2.24
C CYS G 170 -19.67 3.01 0.84
N TYR G 171 -20.92 3.00 0.35
CA TYR G 171 -21.20 3.29 -1.04
C TYR G 171 -22.02 4.55 -1.20
N PHE G 172 -21.77 5.26 -2.30
CA PHE G 172 -22.63 6.37 -2.67
C PHE G 172 -23.96 5.83 -3.19
N PRO G 173 -25.10 6.39 -2.78
CA PRO G 173 -26.38 5.77 -3.07
C PRO G 173 -26.87 5.90 -4.52
N LEU G 174 -26.22 6.71 -5.35
CA LEU G 174 -26.70 6.97 -6.71
C LEU G 174 -25.74 6.42 -7.76
N GLN G 175 -26.30 6.07 -8.92
CA GLN G 175 -25.54 5.61 -10.07
C GLN G 175 -26.15 6.19 -11.34
N SER G 176 -25.35 6.33 -12.38
CA SER G 176 -25.79 6.94 -13.65
C SER G 176 -26.02 5.90 -14.74
N TYR G 177 -27.21 5.91 -15.33
CA TYR G 177 -27.43 5.03 -16.51
C TYR G 177 -26.49 5.58 -17.55
N GLY G 178 -25.46 4.84 -17.94
CA GLY G 178 -24.53 5.28 -19.00
C GLY G 178 -25.19 5.06 -20.34
N PHE G 179 -26.17 5.90 -20.69
CA PHE G 179 -26.96 5.70 -21.92
C PHE G 179 -26.09 5.95 -23.15
N GLN G 180 -25.52 4.90 -23.75
CA GLN G 180 -24.76 5.02 -25.01
C GLN G 180 -25.75 4.78 -26.14
N PRO G 181 -25.65 5.48 -27.29
CA PRO G 181 -26.61 5.31 -28.40
C PRO G 181 -26.55 3.92 -29.04
N THR G 182 -25.45 3.20 -28.88
CA THR G 182 -25.32 1.85 -29.43
C THR G 182 -25.86 0.78 -28.50
N ASN G 183 -26.42 1.16 -27.36
CA ASN G 183 -26.96 0.19 -26.42
C ASN G 183 -28.14 -0.58 -27.03
N GLY G 184 -28.56 -1.62 -26.31
CA GLY G 184 -29.75 -2.35 -26.69
C GLY G 184 -31.03 -1.64 -26.25
N VAL G 185 -32.12 -1.93 -26.97
CA VAL G 185 -33.38 -1.25 -26.70
C VAL G 185 -33.77 -1.37 -25.23
N GLY G 186 -33.41 -2.48 -24.59
CA GLY G 186 -33.73 -2.64 -23.18
C GLY G 186 -32.92 -1.73 -22.28
N TYR G 187 -31.69 -1.41 -22.66
CA TYR G 187 -30.84 -0.53 -21.89
C TYR G 187 -30.84 0.90 -22.44
N GLN G 188 -31.77 1.22 -23.33
CA GLN G 188 -31.89 2.56 -23.86
C GLN G 188 -32.86 3.37 -23.01
N PRO G 189 -32.79 4.70 -23.08
CA PRO G 189 -33.66 5.52 -22.25
C PRO G 189 -35.11 5.53 -22.74
N TYR G 190 -36.02 5.62 -21.78
CA TYR G 190 -37.45 5.65 -22.02
C TYR G 190 -38.02 6.69 -21.07
N ARG G 191 -38.71 7.67 -21.63
CA ARG G 191 -39.38 8.69 -20.83
C ARG G 191 -40.73 8.14 -20.38
N VAL G 192 -41.02 8.29 -19.10
CA VAL G 192 -42.20 7.73 -18.47
C VAL G 192 -43.00 8.86 -17.85
N VAL G 193 -44.32 8.80 -18.05
CA VAL G 193 -45.27 9.76 -17.52
C VAL G 193 -46.40 8.98 -16.86
N VAL G 194 -46.60 9.20 -15.58
CA VAL G 194 -47.61 8.50 -14.79
C VAL G 194 -48.66 9.52 -14.39
N LEU G 195 -49.91 9.24 -14.77
CA LEU G 195 -51.04 10.11 -14.48
C LEU G 195 -51.86 9.45 -13.37
N SER G 196 -51.78 10.01 -12.16
CA SER G 196 -52.54 9.52 -11.03
C SER G 196 -53.79 10.37 -10.86
N PHE G 197 -54.92 9.71 -10.54
CA PHE G 197 -56.19 10.39 -10.38
C PHE G 197 -56.77 10.20 -8.98
N VAL H 2 -8.41 18.13 -13.25
CA VAL H 2 -9.40 18.83 -12.45
C VAL H 2 -8.74 19.61 -11.33
N GLN H 3 -9.30 20.76 -10.99
CA GLN H 3 -8.81 21.57 -9.88
C GLN H 3 -9.97 22.42 -9.39
N LEU H 4 -10.36 22.22 -8.13
CA LEU H 4 -11.39 23.01 -7.47
C LEU H 4 -10.72 24.06 -6.60
N VAL H 5 -10.97 25.33 -6.89
CA VAL H 5 -10.41 26.44 -6.14
C VAL H 5 -11.55 27.04 -5.33
N GLU H 6 -11.37 27.05 -4.00
CA GLU H 6 -12.38 27.54 -3.06
C GLU H 6 -12.04 28.97 -2.64
N SER H 7 -13.07 29.81 -2.57
CA SER H 7 -12.92 31.21 -2.22
C SER H 7 -13.98 31.59 -1.20
N GLY H 8 -13.80 32.78 -0.61
CA GLY H 8 -14.62 33.19 0.49
C GLY H 8 -14.07 32.66 1.80
N GLY H 9 -14.87 32.83 2.85
CA GLY H 9 -14.51 32.32 4.15
C GLY H 9 -13.51 33.23 4.85
N GLY H 10 -13.08 32.75 6.02
CA GLY H 10 -12.18 33.52 6.86
C GLY H 10 -12.77 33.69 8.24
N LEU H 11 -12.78 34.92 8.76
CA LEU H 11 -13.33 35.22 10.07
C LEU H 11 -14.65 35.97 9.90
N VAL H 12 -15.66 35.57 10.67
CA VAL H 12 -16.98 36.19 10.63
C VAL H 12 -17.47 36.37 12.06
N GLN H 13 -18.55 37.14 12.20
CA GLN H 13 -19.15 37.43 13.49
C GLN H 13 -20.42 36.61 13.72
N PRO H 14 -20.68 36.16 14.95
CA PRO H 14 -21.95 35.47 15.22
C PRO H 14 -23.14 36.31 14.81
N GLY H 15 -24.15 35.67 14.22
CA GLY H 15 -25.30 36.36 13.70
C GLY H 15 -25.11 36.94 12.32
N GLY H 16 -23.88 36.94 11.81
CA GLY H 16 -23.59 37.44 10.49
C GLY H 16 -23.93 36.45 9.41
N SER H 17 -23.32 36.66 8.24
CA SER H 17 -23.54 35.82 7.07
C SER H 17 -22.21 35.61 6.37
N LEU H 18 -22.20 34.68 5.42
CA LEU H 18 -20.96 34.36 4.73
C LEU H 18 -21.26 33.52 3.50
N ARG H 19 -20.57 33.80 2.40
CA ARG H 19 -20.73 33.05 1.17
C ARG H 19 -19.40 32.40 0.82
N LEU H 20 -19.41 31.09 0.67
CA LEU H 20 -18.27 30.34 0.16
C LEU H 20 -18.53 30.01 -1.29
N SER H 21 -17.47 29.98 -2.09
CA SER H 21 -17.61 29.69 -3.51
C SER H 21 -16.59 28.63 -3.91
N CYS H 22 -16.90 27.90 -4.96
CA CYS H 22 -16.03 26.88 -5.50
C CYS H 22 -16.07 26.95 -7.02
N ALA H 23 -14.89 26.94 -7.64
CA ALA H 23 -14.75 27.03 -9.07
C ALA H 23 -13.93 25.85 -9.57
N ALA H 24 -14.47 25.11 -10.52
CA ALA H 24 -13.78 23.96 -11.10
C ALA H 24 -13.12 24.35 -12.41
N SER H 25 -11.92 23.82 -12.64
CA SER H 25 -11.22 24.07 -13.90
C SER H 25 -10.34 22.86 -14.22
N GLY H 26 -10.43 22.38 -15.46
CA GLY H 26 -9.57 21.30 -15.87
C GLY H 26 -10.26 20.24 -16.73
N ARG H 27 -11.45 19.81 -16.32
CA ARG H 27 -12.15 18.74 -17.02
C ARG H 27 -13.65 18.96 -16.88
N THR H 28 -14.36 18.76 -18.00
CA THR H 28 -15.82 18.77 -17.96
C THR H 28 -16.32 17.49 -17.30
N PHE H 29 -17.23 17.62 -16.35
CA PHE H 29 -17.72 16.47 -15.61
C PHE H 29 -18.82 15.76 -16.39
N ARG H 30 -18.80 14.42 -16.37
CA ARG H 30 -19.85 13.66 -17.02
C ARG H 30 -21.21 13.89 -16.38
N VAL H 31 -21.22 14.31 -15.12
CA VAL H 31 -22.44 14.68 -14.42
C VAL H 31 -22.16 15.96 -13.66
N ASN H 32 -23.20 16.72 -13.38
CA ASN H 32 -23.08 17.98 -12.64
C ASN H 32 -23.78 17.79 -11.30
N LEU H 33 -22.99 17.44 -10.28
CA LEU H 33 -23.49 17.26 -8.93
C LEU H 33 -22.35 17.61 -7.98
N MET H 34 -22.59 18.58 -7.10
CA MET H 34 -21.55 19.07 -6.21
C MET H 34 -22.11 19.18 -4.79
N GLY H 35 -21.21 19.45 -3.85
CA GLY H 35 -21.61 19.53 -2.45
C GLY H 35 -20.55 20.18 -1.60
N TRP H 36 -20.97 20.56 -0.39
CA TRP H 36 -20.08 21.09 0.63
C TRP H 36 -19.97 20.14 1.81
N PHE H 37 -18.76 20.03 2.34
CA PHE H 37 -18.49 19.24 3.52
C PHE H 37 -17.78 20.14 4.51
N ARG H 38 -17.92 19.83 5.80
CA ARG H 38 -17.25 20.64 6.81
C ARG H 38 -16.66 19.71 7.86
N GLN H 39 -15.36 19.82 8.11
CA GLN H 39 -14.67 19.00 9.14
C GLN H 39 -14.43 19.87 10.37
N ALA H 40 -15.38 19.91 11.29
CA ALA H 40 -15.28 20.71 12.52
C ALA H 40 -14.01 20.34 13.26
N PRO H 41 -13.49 21.19 14.16
CA PRO H 41 -12.31 20.87 14.93
C PRO H 41 -12.57 19.71 15.89
N GLY H 42 -12.07 18.52 15.59
CA GLY H 42 -12.18 17.34 16.48
C GLY H 42 -13.35 16.46 16.12
N LYS H 43 -13.89 16.56 14.92
CA LYS H 43 -15.01 15.75 14.46
C LYS H 43 -14.73 15.27 13.04
N GLY H 44 -15.55 14.33 12.58
CA GLY H 44 -15.38 13.80 11.25
C GLY H 44 -15.98 14.70 10.20
N ARG H 45 -15.59 14.44 8.94
CA ARG H 45 -16.12 15.23 7.84
C ARG H 45 -17.61 14.99 7.69
N GLU H 46 -18.37 16.09 7.64
CA GLU H 46 -19.82 16.05 7.55
C GLU H 46 -20.28 16.61 6.21
N LEU H 47 -21.47 16.18 5.79
CA LEU H 47 -22.11 16.72 4.59
C LEU H 47 -23.00 17.88 4.99
N VAL H 48 -22.82 19.01 4.31
CA VAL H 48 -23.58 20.22 4.61
C VAL H 48 -24.71 20.44 3.61
N ALA H 49 -24.43 20.23 2.31
CA ALA H 49 -25.43 20.44 1.28
C ALA H 49 -24.92 19.81 -0.01
N SER H 50 -25.85 19.46 -0.88
CA SER H 50 -25.52 18.92 -2.19
C SER H 50 -26.52 19.43 -3.21
N ILE H 51 -26.04 19.80 -4.39
CA ILE H 51 -26.89 20.31 -5.45
C ILE H 51 -26.57 19.56 -6.73
N ASN H 52 -27.62 19.05 -7.39
CA ASN H 52 -27.49 18.54 -8.75
C ASN H 52 -28.14 19.55 -9.69
N GLY H 53 -27.35 20.07 -10.64
CA GLY H 53 -27.82 21.07 -11.57
C GLY H 53 -28.65 20.52 -12.71
N PHE H 54 -28.46 19.24 -13.05
CA PHE H 54 -29.25 18.65 -14.12
C PHE H 54 -30.74 18.69 -13.79
N ASP H 55 -31.09 18.47 -12.54
CA ASP H 55 -32.47 18.60 -12.08
C ASP H 55 -32.69 19.86 -11.27
N ASP H 56 -31.62 20.61 -10.99
CA ASP H 56 -31.71 21.85 -10.23
C ASP H 56 -32.30 21.60 -8.85
N ILE H 57 -31.88 20.52 -8.21
CA ILE H 57 -32.44 20.10 -6.93
C ILE H 57 -31.33 20.08 -5.88
N THR H 58 -31.64 20.63 -4.71
CA THR H 58 -30.71 20.73 -3.60
C THR H 58 -31.18 19.83 -2.46
N TYR H 59 -30.22 19.38 -1.67
CA TYR H 59 -30.48 18.54 -0.51
C TYR H 59 -29.63 19.05 0.64
N TYR H 60 -30.29 19.34 1.75
CA TYR H 60 -29.67 19.75 2.99
C TYR H 60 -30.05 18.74 4.05
N PRO H 61 -29.10 18.16 4.79
CA PRO H 61 -29.51 17.29 5.89
C PRO H 61 -30.27 18.09 6.94
N ASP H 62 -31.18 17.39 7.63
CA ASP H 62 -32.07 18.04 8.58
C ASP H 62 -31.34 18.72 9.73
N SER H 63 -30.03 18.47 9.88
CA SER H 63 -29.31 18.99 11.03
C SER H 63 -29.18 20.51 11.01
N VAL H 64 -28.87 21.09 9.86
CA VAL H 64 -28.63 22.53 9.80
C VAL H 64 -29.37 23.19 8.64
N GLU H 65 -30.36 22.50 8.08
CA GLU H 65 -31.07 23.09 6.96
C GLU H 65 -31.94 24.26 7.44
N GLY H 66 -32.15 25.22 6.56
CA GLY H 66 -32.86 26.45 6.86
C GLY H 66 -31.96 27.57 7.29
N ARG H 67 -30.70 27.28 7.60
CA ARG H 67 -29.67 28.28 7.89
C ARG H 67 -28.67 28.37 6.75
N PHE H 68 -28.35 27.24 6.14
CA PHE H 68 -27.41 27.17 5.03
C PHE H 68 -28.20 27.00 3.73
N THR H 69 -27.61 27.45 2.64
CA THR H 69 -28.24 27.36 1.32
C THR H 69 -27.16 27.12 0.28
N ILE H 70 -27.45 26.25 -0.69
CA ILE H 70 -26.50 25.92 -1.75
C ILE H 70 -27.09 26.36 -3.08
N SER H 71 -26.25 26.99 -3.91
CA SER H 71 -26.66 27.50 -5.21
C SER H 71 -25.58 27.17 -6.22
N ARG H 72 -25.89 27.39 -7.50
CA ARG H 72 -24.95 27.07 -8.56
C ARG H 72 -25.06 28.08 -9.70
N ASP H 73 -23.93 28.30 -10.37
CA ASP H 73 -23.85 29.08 -11.59
C ASP H 73 -23.21 28.15 -12.63
N ASN H 74 -24.06 27.51 -13.43
CA ASN H 74 -23.58 26.49 -14.36
C ASN H 74 -22.64 27.07 -15.41
N ALA H 75 -22.99 28.24 -15.95
CA ALA H 75 -22.18 28.82 -17.02
C ALA H 75 -20.75 29.07 -16.57
N LYS H 76 -20.57 29.57 -15.36
CA LYS H 76 -19.25 29.87 -14.82
C LYS H 76 -18.59 28.68 -14.12
N ARG H 77 -19.24 27.52 -14.11
CA ARG H 77 -18.74 26.36 -13.38
C ARG H 77 -18.55 26.68 -11.90
N MET H 78 -19.39 27.58 -11.37
CA MET H 78 -19.29 27.99 -9.97
C MET H 78 -20.38 27.31 -9.15
N VAL H 79 -20.10 27.12 -7.87
CA VAL H 79 -21.12 26.67 -6.92
C VAL H 79 -20.89 27.39 -5.61
N TYR H 80 -21.98 27.88 -4.99
CA TYR H 80 -21.90 28.72 -3.80
C TYR H 80 -22.63 28.07 -2.63
N LEU H 81 -22.19 28.42 -1.42
CA LEU H 81 -22.82 27.98 -0.18
C LEU H 81 -22.90 29.19 0.74
N GLN H 82 -24.12 29.65 1.01
CA GLN H 82 -24.36 30.79 1.88
C GLN H 82 -24.79 30.30 3.26
N MET H 83 -24.14 30.85 4.29
CA MET H 83 -24.38 30.49 5.68
C MET H 83 -24.90 31.72 6.40
N ASN H 84 -26.03 31.56 7.09
CA ASN H 84 -26.73 32.68 7.73
C ASN H 84 -26.95 32.35 9.20
N SER H 85 -27.07 33.40 10.02
CA SER H 85 -27.22 33.24 11.46
C SER H 85 -26.09 32.38 12.01
N LEU H 86 -24.87 32.71 11.61
CA LEU H 86 -23.71 31.89 11.93
C LEU H 86 -23.57 31.69 13.44
N ARG H 87 -23.35 30.44 13.84
CA ARG H 87 -23.11 30.07 15.22
C ARG H 87 -21.66 29.65 15.39
N ALA H 88 -21.23 29.56 16.66
CA ALA H 88 -19.91 29.04 16.95
C ALA H 88 -19.76 27.59 16.49
N GLU H 89 -20.88 26.86 16.38
CA GLU H 89 -20.81 25.48 15.93
C GLU H 89 -20.29 25.39 14.51
N ASP H 90 -20.46 26.44 13.72
CA ASP H 90 -20.13 26.39 12.31
C ASP H 90 -18.64 26.58 12.04
N THR H 91 -17.85 26.90 13.07
CA THR H 91 -16.41 27.03 12.89
C THR H 91 -15.84 25.70 12.40
N ALA H 92 -15.23 25.72 11.21
CA ALA H 92 -14.69 24.49 10.64
C ALA H 92 -13.99 24.75 9.32
N VAL H 93 -13.38 23.72 8.75
CA VAL H 93 -12.81 23.81 7.41
C VAL H 93 -13.85 23.25 6.44
N TYR H 94 -14.19 24.04 5.43
CA TYR H 94 -15.21 23.68 4.46
C TYR H 94 -14.54 23.23 3.17
N TYR H 95 -14.92 22.05 2.71
CA TYR H 95 -14.38 21.43 1.52
C TYR H 95 -15.43 21.38 0.43
N CYS H 96 -14.95 21.45 -0.81
CA CYS H 96 -15.76 21.39 -2.01
C CYS H 96 -15.74 19.98 -2.58
N ALA H 97 -16.87 19.55 -3.14
CA ALA H 97 -17.00 18.21 -3.69
C ALA H 97 -17.62 18.32 -5.07
N ALA H 98 -16.91 17.81 -6.08
CA ALA H 98 -17.40 17.77 -7.45
C ALA H 98 -17.45 16.31 -7.88
N TYR H 99 -18.67 15.81 -8.14
CA TYR H 99 -18.85 14.41 -8.48
C TYR H 99 -18.75 14.21 -9.99
N ASP H 100 -18.11 13.10 -10.38
CA ASP H 100 -18.01 12.67 -11.77
C ASP H 100 -18.34 11.18 -11.82
N SER H 101 -18.39 10.61 -13.03
CA SER H 101 -18.76 9.21 -13.22
C SER H 101 -17.74 8.49 -14.06
N ASP H 102 -17.66 7.16 -13.92
CA ASP H 102 -16.79 6.29 -14.76
C ASP H 102 -17.63 5.86 -15.95
N TYR H 103 -17.10 5.01 -16.83
CA TYR H 103 -17.80 4.59 -18.08
C TYR H 103 -19.04 3.78 -17.73
N ASP H 104 -19.18 3.33 -16.49
CA ASP H 104 -20.31 2.46 -16.07
C ASP H 104 -21.36 3.30 -15.33
N GLY H 105 -20.98 4.44 -14.76
CA GLY H 105 -21.88 5.31 -13.98
C GLY H 105 -21.34 5.52 -12.59
N ARG H 106 -20.58 4.56 -12.07
CA ARG H 106 -19.95 4.64 -10.73
C ARG H 106 -19.52 6.09 -10.50
N LEU H 107 -20.07 6.74 -9.47
CA LEU H 107 -19.81 8.17 -9.21
C LEU H 107 -18.59 8.40 -8.31
N PHE H 108 -17.63 9.25 -8.71
CA PHE H 108 -16.42 9.62 -7.94
C PHE H 108 -16.68 10.91 -7.15
N ASN H 109 -15.63 11.52 -6.58
CA ASN H 109 -15.71 12.73 -5.77
C ASN H 109 -14.37 13.43 -5.88
N TYR H 110 -14.37 14.68 -6.35
CA TYR H 110 -13.18 15.51 -6.35
C TYR H 110 -13.27 16.50 -5.19
N TRP H 111 -12.14 16.72 -4.52
CA TRP H 111 -12.10 17.57 -3.34
C TRP H 111 -11.19 18.77 -3.56
N GLY H 112 -11.55 19.88 -2.92
CA GLY H 112 -10.68 21.04 -2.87
C GLY H 112 -9.86 21.04 -1.59
N GLN H 113 -8.92 21.98 -1.51
CA GLN H 113 -8.06 22.05 -0.33
C GLN H 113 -8.86 22.38 0.92
N GLY H 114 -9.94 23.14 0.79
CA GLY H 114 -10.71 23.55 1.94
C GLY H 114 -10.35 24.95 2.40
N THR H 115 -11.35 25.65 2.93
CA THR H 115 -11.14 27.00 3.45
C THR H 115 -11.68 27.07 4.87
N GLN H 116 -10.94 27.77 5.73
CA GLN H 116 -11.28 27.86 7.13
C GLN H 116 -12.34 28.94 7.33
N VAL H 117 -13.30 28.65 8.20
CA VAL H 117 -14.31 29.61 8.60
C VAL H 117 -14.38 29.60 10.12
N THR H 118 -14.20 30.77 10.72
CA THR H 118 -14.20 30.93 12.16
C THR H 118 -15.28 31.92 12.55
N VAL H 119 -15.97 31.65 13.65
CA VAL H 119 -17.07 32.47 14.14
C VAL H 119 -16.72 32.83 15.58
N SER H 120 -16.16 34.02 15.78
CA SER H 120 -15.72 34.47 17.09
C SER H 120 -16.36 35.82 17.41
N SER H 121 -16.62 36.04 18.69
CA SER H 121 -17.23 37.28 19.15
C SER H 121 -16.21 38.42 19.18
#